data_5KQ4
#
_entry.id   5KQ4
#
_cell.length_a   43.067
_cell.length_b   120.752
_cell.length_c   91.849
_cell.angle_alpha   90.00
_cell.angle_beta   97.90
_cell.angle_gamma   90.00
#
_symmetry.space_group_name_H-M   'P 1 21 1'
#
loop_
_entity.id
_entity.type
_entity.pdbx_description
1 polymer 'mRNA-decapping enzyme subunit 1'
2 polymer 'Proline-rich nuclear receptor coactivator 2'
3 polymer 'mRNA decapping complex subunit 2'
4 non-polymer '[[(2~{R},3~{S},4~{R},5~{R})-5-(2-azanyl-7-methyl-6-oxidanylidene-3~{H}-purin-7-ium-9-yl)-3,4-bis(oxidanyl)oxolan-2-yl]methoxy-sulfanyl-phosphoryl] [[[(2~{R},3~{S},4~{R},5~{R})-5-(2-azanyl-7-methyl-6-oxidanylidene-3~{H}-purin-7-ium-9-yl)-3,4-bis(oxidanyl)oxolan-2-yl]methoxy-sulfanyl-phosphoryl]oxy-oxidanyl-phosphoryl] hydrogen phosphate'
5 water water
#
loop_
_entity_poly.entity_id
_entity_poly.type
_entity_poly.pdbx_seq_one_letter_code
_entity_poly.pdbx_strand_id
1 'polypeptide(L)'
;GEFMEDENILRNAVNLQVLKFHYPEIESIIDIASHVAVYQFDVGSQKWLKTSIEGTFFLVKDQRARVGYVILNRNSPENL
YLFINHPSNVHLVDRYLIHRTENQHVVGLWMFDPNDMSRIFNIVKESLLR
;
D,A
2 'polypeptide(L)' QNYAGAKFSEPPSPSVLPKPPSHWVPVSFNP F,C
3 'polypeptide(L)'
;GGGGSMSFTNATFSQVLDDLSARFILNLPAEEQSSVERLCFQIEQAHWFYEDFIRAQNDQLPSLGLRVFSAKLFAHCPLL
WKWSKVHEEAFDDFLRYKTRIPVRGAIMLDMSMQQCVLVKGWKASSGWGFPKGKIDKDESDVDCAIREVYEETGFDCSSR
INPNEFIDMTIRGQNVRLYIIPGISLDTRFESRTRKEISKIEWHNLMDLPTFKKNKPQTMKNKFYMVIPFLAPLKKWIKK
RNIANNTTK
;
E,B
#
# COMPACT_ATOMS: atom_id res chain seq x y z
N MET A 4 -21.84 42.27 20.56
CA MET A 4 -22.22 42.06 21.95
C MET A 4 -21.35 41.01 22.64
N GLU A 5 -21.00 41.30 23.90
CA GLU A 5 -20.11 40.45 24.67
C GLU A 5 -20.78 39.17 25.18
N ASP A 6 -22.03 39.26 25.64
CA ASP A 6 -22.66 38.10 26.27
C ASP A 6 -22.70 36.87 25.36
N GLU A 7 -22.79 37.07 24.05
CA GLU A 7 -22.81 35.96 23.12
C GLU A 7 -21.54 35.12 23.24
N ASN A 8 -20.39 35.79 23.29
CA ASN A 8 -19.10 35.08 23.29
C ASN A 8 -18.89 34.29 24.57
N ILE A 9 -19.45 34.73 25.69
CA ILE A 9 -19.39 33.93 26.91
C ILE A 9 -20.27 32.69 26.75
N LEU A 10 -21.38 32.84 26.02
CA LEU A 10 -22.27 31.73 25.75
C LEU A 10 -21.70 30.80 24.69
N ARG A 11 -20.97 31.34 23.71
CA ARG A 11 -20.31 30.49 22.73
C ARG A 11 -19.25 29.62 23.39
N ASN A 12 -18.44 30.22 24.28
CA ASN A 12 -17.44 29.45 25.01
C ASN A 12 -18.09 28.42 25.93
N ALA A 13 -19.21 28.77 26.54
CA ALA A 13 -19.89 27.85 27.44
C ALA A 13 -20.35 26.59 26.70
N VAL A 14 -20.94 26.77 25.51
CA VAL A 14 -21.37 25.62 24.72
C VAL A 14 -20.16 24.84 24.22
N ASN A 15 -19.14 25.56 23.75
CA ASN A 15 -17.92 24.91 23.27
C ASN A 15 -17.30 24.05 24.36
N LEU A 16 -17.11 24.61 25.56
CA LEU A 16 -16.47 23.87 26.64
C LEU A 16 -17.33 22.71 27.12
N GLN A 17 -18.65 22.85 27.11
CA GLN A 17 -19.51 21.73 27.49
C GLN A 17 -19.37 20.57 26.50
N VAL A 18 -19.18 20.89 25.22
CA VAL A 18 -19.03 19.84 24.20
C VAL A 18 -17.69 19.14 24.36
N LEU A 19 -16.62 19.92 24.53
CA LEU A 19 -15.29 19.35 24.71
C LEU A 19 -15.23 18.44 25.93
N LYS A 20 -15.86 18.86 27.05
CA LYS A 20 -15.88 18.02 28.23
C LYS A 20 -16.72 16.77 28.04
N PHE A 21 -17.72 16.82 27.15
CA PHE A 21 -18.52 15.64 26.88
C PHE A 21 -17.68 14.55 26.23
N HIS A 22 -16.76 14.94 25.34
CA HIS A 22 -15.85 13.97 24.76
C HIS A 22 -14.63 13.73 25.64
N TYR A 23 -14.17 14.78 26.33
CA TYR A 23 -12.93 14.72 27.11
C TYR A 23 -13.17 15.41 28.44
N PRO A 24 -13.66 14.65 29.43
CA PRO A 24 -13.99 15.27 30.73
C PRO A 24 -12.83 16.01 31.40
N GLU A 25 -11.61 15.51 31.26
CA GLU A 25 -10.47 16.14 31.94
C GLU A 25 -10.16 17.54 31.43
N ILE A 26 -10.72 17.95 30.30
CA ILE A 26 -10.50 19.31 29.80
C ILE A 26 -11.11 20.31 30.80
N GLU A 27 -10.38 21.39 31.05
CA GLU A 27 -10.82 22.41 32.00
C GLU A 27 -11.18 23.75 31.36
N SER A 28 -10.44 24.20 30.36
CA SER A 28 -10.73 25.50 29.77
C SER A 28 -10.23 25.52 28.33
N ILE A 29 -10.76 26.47 27.57
CA ILE A 29 -10.35 26.71 26.19
C ILE A 29 -9.44 27.93 26.18
N ILE A 30 -8.19 27.73 25.77
CA ILE A 30 -7.27 28.86 25.69
C ILE A 30 -7.54 29.69 24.44
N ASP A 31 -7.72 29.04 23.29
CA ASP A 31 -7.93 29.74 22.04
C ASP A 31 -8.56 28.76 21.05
N ILE A 32 -9.06 29.31 19.94
CA ILE A 32 -9.78 28.53 18.94
C ILE A 32 -9.32 28.95 17.55
N ALA A 33 -9.27 27.99 16.63
CA ALA A 33 -8.99 28.23 15.23
C ALA A 33 -10.17 27.71 14.43
N SER A 34 -10.68 28.52 13.50
CA SER A 34 -11.95 28.22 12.86
C SER A 34 -11.92 26.92 12.06
N HIS A 35 -10.83 26.69 11.31
CA HIS A 35 -10.74 25.49 10.50
C HIS A 35 -9.27 25.14 10.29
N VAL A 36 -8.92 23.89 10.55
CA VAL A 36 -7.56 23.38 10.32
C VAL A 36 -7.64 22.03 9.62
N ALA A 37 -6.68 21.78 8.74
CA ALA A 37 -6.50 20.47 8.12
C ALA A 37 -5.31 19.79 8.79
N VAL A 38 -5.37 18.47 8.92
CA VAL A 38 -4.35 17.71 9.63
C VAL A 38 -3.58 16.87 8.62
N TYR A 39 -2.26 16.94 8.70
CA TYR A 39 -1.37 16.12 7.90
C TYR A 39 -0.51 15.31 8.85
N GLN A 40 -0.05 14.15 8.37
CA GLN A 40 0.89 13.33 9.13
C GLN A 40 2.05 12.91 8.25
N PHE A 41 3.25 13.01 8.79
CA PHE A 41 4.46 12.62 8.08
C PHE A 41 4.73 11.14 8.32
N ASP A 42 4.90 10.39 7.24
CA ASP A 42 5.21 8.96 7.33
C ASP A 42 6.72 8.84 7.29
N VAL A 43 7.32 8.44 8.42
CA VAL A 43 8.77 8.32 8.49
C VAL A 43 9.33 7.21 7.60
N GLY A 44 8.48 6.31 7.12
CA GLY A 44 8.94 5.24 6.25
C GLY A 44 9.04 5.69 4.81
N SER A 45 7.92 6.19 4.27
CA SER A 45 7.93 6.81 2.95
C SER A 45 8.66 8.15 2.96
N GLN A 46 8.77 8.78 4.13
CA GLN A 46 9.41 10.10 4.27
C GLN A 46 8.72 11.15 3.39
N LYS A 47 7.39 11.09 3.35
CA LYS A 47 6.58 12.08 2.66
C LYS A 47 5.44 12.50 3.57
N TRP A 48 4.88 13.67 3.30
CA TRP A 48 3.67 14.09 3.98
C TRP A 48 2.45 13.42 3.35
N LEU A 49 1.53 12.99 4.21
CA LEU A 49 0.26 12.42 3.78
C LEU A 49 -0.87 13.20 4.42
N LYS A 50 -1.99 13.29 3.71
CA LYS A 50 -3.15 14.00 4.23
C LYS A 50 -4.03 13.03 5.00
N THR A 51 -4.38 13.41 6.22
CA THR A 51 -5.39 12.68 6.96
C THR A 51 -6.77 13.22 6.60
N SER A 52 -7.81 12.51 7.06
CA SER A 52 -9.20 12.91 6.85
C SER A 52 -9.77 13.63 8.07
N ILE A 53 -8.89 14.20 8.89
CA ILE A 53 -9.29 14.96 10.07
C ILE A 53 -9.25 16.44 9.72
N GLU A 54 -10.42 17.08 9.81
CA GLU A 54 -10.63 18.47 9.40
C GLU A 54 -11.74 19.05 10.26
N GLY A 55 -11.53 20.25 10.78
CA GLY A 55 -12.60 20.92 11.50
C GLY A 55 -12.05 22.03 12.38
N THR A 56 -12.85 22.37 13.39
CA THR A 56 -12.50 23.45 14.29
C THR A 56 -11.45 22.99 15.29
N PHE A 57 -10.51 23.89 15.58
CA PHE A 57 -9.34 23.61 16.42
C PHE A 57 -9.50 24.35 17.74
N PHE A 58 -9.46 23.60 18.84
CA PHE A 58 -9.61 24.16 20.18
C PHE A 58 -8.31 23.91 20.95
N LEU A 59 -7.69 24.98 21.44
CA LEU A 59 -6.53 24.85 22.30
C LEU A 59 -7.04 24.79 23.75
N VAL A 60 -6.73 23.70 24.44
CA VAL A 60 -7.33 23.40 25.73
C VAL A 60 -6.27 23.13 26.78
N LYS A 61 -6.65 23.39 28.03
CA LYS A 61 -5.86 23.04 29.20
C LYS A 61 -6.64 22.03 30.03
N ASP A 62 -5.98 20.95 30.44
CA ASP A 62 -6.64 19.90 31.21
C ASP A 62 -6.38 20.11 32.71
N GLN A 63 -7.06 19.31 33.53
CA GLN A 63 -6.91 19.40 34.99
C GLN A 63 -5.44 19.32 35.42
N ARG A 64 -4.64 18.51 34.73
CA ARG A 64 -3.24 18.34 35.08
C ARG A 64 -2.35 19.48 34.58
N ALA A 65 -2.95 20.58 34.12
CA ALA A 65 -2.29 21.78 33.62
C ALA A 65 -1.58 21.53 32.29
N ARG A 66 -1.77 20.36 31.69
CA ARG A 66 -1.16 20.10 30.40
C ARG A 66 -1.84 20.91 29.31
N VAL A 67 -1.07 21.25 28.28
CA VAL A 67 -1.59 21.97 27.13
C VAL A 67 -1.79 20.99 25.98
N GLY A 68 -2.91 21.11 25.30
CA GLY A 68 -3.21 20.26 24.16
C GLY A 68 -4.28 20.90 23.31
N TYR A 69 -4.58 20.27 22.19
CA TYR A 69 -5.61 20.78 21.30
C TYR A 69 -6.53 19.66 20.83
N VAL A 70 -7.82 19.97 20.74
CA VAL A 70 -8.84 19.08 20.19
C VAL A 70 -9.27 19.63 18.84
N ILE A 71 -9.45 18.73 17.88
CA ILE A 71 -10.02 19.05 16.59
C ILE A 71 -11.30 18.23 16.42
N LEU A 72 -12.44 18.91 16.36
CA LEU A 72 -13.70 18.22 16.14
C LEU A 72 -13.84 17.95 14.65
N ASN A 73 -13.67 16.69 14.26
CA ASN A 73 -13.62 16.34 12.85
C ASN A 73 -14.98 16.54 12.21
N ARG A 74 -15.01 17.18 11.05
CA ARG A 74 -16.22 17.39 10.29
C ARG A 74 -16.49 16.27 9.29
N ASN A 75 -15.54 15.37 9.07
CA ASN A 75 -15.68 14.30 8.09
C ASN A 75 -16.05 12.96 8.70
N SER A 76 -15.85 12.77 10.00
CA SER A 76 -16.11 11.50 10.66
C SER A 76 -16.10 11.72 12.17
N PRO A 77 -16.65 10.79 12.95
CA PRO A 77 -16.66 10.95 14.42
C PRO A 77 -15.31 10.83 15.09
N GLU A 78 -14.24 10.59 14.35
CA GLU A 78 -12.91 10.38 14.94
C GLU A 78 -12.19 11.72 15.04
N ASN A 79 -12.07 12.23 16.26
CA ASN A 79 -11.44 13.51 16.51
C ASN A 79 -9.95 13.33 16.79
N LEU A 80 -9.24 14.46 16.96
CA LEU A 80 -7.82 14.45 17.27
C LEU A 80 -7.60 15.21 18.57
N TYR A 81 -6.97 14.56 19.54
CA TYR A 81 -6.66 15.17 20.83
C TYR A 81 -5.20 14.89 21.13
N LEU A 82 -4.37 15.92 21.03
CA LEU A 82 -2.93 15.76 21.21
C LEU A 82 -2.42 16.81 22.19
N PHE A 83 -1.54 16.38 23.09
CA PHE A 83 -0.92 17.27 24.05
C PHE A 83 0.38 17.83 23.49
N ILE A 84 0.74 19.01 23.97
CA ILE A 84 2.03 19.63 23.67
C ILE A 84 2.79 19.68 24.98
N ASN A 85 3.88 18.90 25.07
CA ASN A 85 4.64 18.78 26.30
C ASN A 85 5.83 19.73 26.36
N HIS A 86 6.39 20.13 25.22
CA HIS A 86 7.62 20.90 25.23
C HIS A 86 7.64 21.92 24.09
N PRO A 87 8.12 23.14 24.35
CA PRO A 87 8.26 24.13 23.26
C PRO A 87 9.00 23.64 22.03
N SER A 88 10.10 22.90 22.21
CA SER A 88 10.90 22.46 21.07
C SER A 88 10.15 21.52 20.13
N ASN A 89 9.07 20.90 20.59
CA ASN A 89 8.31 19.95 19.78
C ASN A 89 7.29 20.61 18.86
N VAL A 90 7.16 21.93 18.88
CA VAL A 90 6.26 22.62 17.97
C VAL A 90 7.04 23.70 17.23
N HIS A 91 7.03 23.64 15.91
CA HIS A 91 7.69 24.61 15.06
C HIS A 91 6.69 25.32 14.15
N LEU A 92 7.10 26.50 13.67
CA LEU A 92 6.37 27.24 12.66
C LEU A 92 7.24 27.31 11.41
N VAL A 93 6.76 26.69 10.33
CA VAL A 93 7.48 26.63 9.06
C VAL A 93 6.50 27.03 7.96
N ASP A 94 6.79 28.14 7.28
CA ASP A 94 5.99 28.65 6.16
C ASP A 94 4.58 28.88 6.67
N ARG A 95 3.57 28.17 6.17
CA ARG A 95 2.18 28.35 6.59
C ARG A 95 1.70 27.26 7.54
N TYR A 96 2.60 26.43 8.06
CA TYR A 96 2.18 25.25 8.81
C TYR A 96 2.72 25.23 10.23
N LEU A 97 2.03 24.45 11.07
CA LEU A 97 2.50 24.09 12.40
C LEU A 97 2.87 22.62 12.33
N ILE A 98 4.12 22.30 12.65
CA ILE A 98 4.59 20.93 12.68
C ILE A 98 4.86 20.55 14.13
N HIS A 99 4.28 19.43 14.56
CA HIS A 99 4.21 19.06 15.96
C HIS A 99 4.68 17.62 16.10
N ARG A 100 5.70 17.41 16.92
CA ARG A 100 6.17 16.07 17.26
C ARG A 100 5.44 15.63 18.53
N THR A 101 4.55 14.64 18.40
CA THR A 101 3.70 14.21 19.50
C THR A 101 4.52 13.38 20.49
N GLU A 102 3.88 13.05 21.63
CA GLU A 102 4.54 12.26 22.66
C GLU A 102 5.05 10.93 22.11
N ASN A 103 4.32 10.36 21.15
CA ASN A 103 4.66 9.08 20.57
C ASN A 103 5.57 9.22 19.36
N GLN A 104 6.25 10.35 19.22
CA GLN A 104 7.21 10.66 18.18
C GLN A 104 6.59 10.78 16.80
N HIS A 105 5.26 10.84 16.71
CA HIS A 105 4.62 11.07 15.43
C HIS A 105 4.77 12.55 15.06
N VAL A 106 4.76 12.85 13.76
CA VAL A 106 4.93 14.21 13.27
C VAL A 106 3.64 14.65 12.60
N VAL A 107 3.02 15.69 13.14
CA VAL A 107 1.76 16.21 12.63
C VAL A 107 2.00 17.55 11.96
N GLY A 108 1.23 17.83 10.91
CA GLY A 108 1.26 19.13 10.29
C GLY A 108 -0.10 19.79 10.35
N LEU A 109 -0.17 20.98 10.92
CA LEU A 109 -1.41 21.73 11.01
C LEU A 109 -1.40 22.86 9.99
N TRP A 110 -2.46 22.91 9.18
CA TRP A 110 -2.71 24.03 8.27
C TRP A 110 -4.00 24.71 8.69
N MET A 111 -3.91 25.99 8.98
CA MET A 111 -5.07 26.77 9.39
C MET A 111 -5.57 27.54 8.18
N PHE A 112 -6.89 27.62 8.05
CA PHE A 112 -7.44 28.31 6.88
C PHE A 112 -7.19 29.80 6.97
N ASP A 113 -7.13 30.34 8.18
CA ASP A 113 -6.85 31.75 8.40
C ASP A 113 -5.41 31.89 8.80
N PRO A 114 -4.56 32.56 8.01
CA PRO A 114 -3.14 32.67 8.39
C PRO A 114 -2.90 33.41 9.68
N ASN A 115 -3.77 34.35 10.04
CA ASN A 115 -3.66 35.06 11.30
C ASN A 115 -3.91 34.14 12.49
N ASP A 116 -4.72 33.10 12.29
CA ASP A 116 -4.90 32.10 13.33
C ASP A 116 -3.61 31.34 13.59
N MET A 117 -2.87 31.05 12.53
CA MET A 117 -1.61 30.33 12.66
C MET A 117 -0.63 31.07 13.57
N SER A 118 -0.42 32.35 13.28
CA SER A 118 0.58 33.11 14.04
C SER A 118 0.13 33.34 15.48
N ARG A 119 -1.16 33.62 15.70
CA ARG A 119 -1.63 33.85 17.07
C ARG A 119 -1.57 32.58 17.90
N ILE A 120 -2.03 31.45 17.35
CA ILE A 120 -2.08 30.22 18.12
C ILE A 120 -0.67 29.74 18.47
N PHE A 121 0.29 29.95 17.56
CA PHE A 121 1.64 29.46 17.83
C PHE A 121 2.32 30.25 18.95
N ASN A 122 2.05 31.56 19.04
CA ASN A 122 2.60 32.35 20.14
C ASN A 122 1.88 32.12 21.46
N ILE A 123 0.57 31.84 21.43
CA ILE A 123 -0.13 31.52 22.67
C ILE A 123 0.31 30.15 23.18
N VAL A 124 0.79 29.28 22.29
CA VAL A 124 1.32 27.99 22.74
C VAL A 124 2.66 28.20 23.44
N LYS A 125 3.46 29.16 22.96
CA LYS A 125 4.71 29.49 23.62
C LYS A 125 4.46 30.03 25.03
N GLU A 126 3.48 30.92 25.16
CA GLU A 126 3.19 31.53 26.46
C GLU A 126 2.50 30.59 27.43
N SER A 127 2.01 29.45 26.96
CA SER A 127 1.25 28.55 27.82
C SER A 127 2.11 27.47 28.46
N LEU A 128 3.21 27.10 27.83
CA LEU A 128 4.10 26.07 28.34
C LEU A 128 5.23 26.61 29.20
N LEU A 129 5.30 27.93 29.38
CA LEU A 129 6.37 28.52 30.16
C LEU A 129 6.05 28.58 31.65
N GLU B 10 -9.37 22.37 -1.13
CA GLU B 10 -9.11 23.68 -0.56
C GLU B 10 -7.85 23.70 0.32
N PRO B 11 -7.63 22.70 1.16
CA PRO B 11 -6.35 22.61 1.86
C PRO B 11 -5.25 22.28 0.87
N PRO B 12 -4.04 22.79 1.07
CA PRO B 12 -2.94 22.45 0.17
C PRO B 12 -2.70 20.95 0.13
N SER B 13 -2.11 20.50 -0.97
CA SER B 13 -1.75 19.10 -1.09
C SER B 13 -0.57 18.81 -0.18
N PRO B 14 -0.42 17.57 0.29
CA PRO B 14 0.72 17.24 1.16
C PRO B 14 2.07 17.50 0.51
N SER B 15 2.12 17.66 -0.81
CA SER B 15 3.39 17.80 -1.50
C SER B 15 4.10 19.10 -1.13
N VAL B 16 3.36 20.19 -0.94
CA VAL B 16 3.96 21.49 -0.66
C VAL B 16 4.42 21.67 0.78
N LEU B 17 4.00 20.78 1.69
CA LEU B 17 4.40 20.91 3.09
C LEU B 17 5.91 20.86 3.23
N PRO B 18 6.49 21.71 4.09
CA PRO B 18 7.94 21.72 4.27
C PRO B 18 8.45 20.44 4.93
N LYS B 19 9.74 20.22 4.72
CA LYS B 19 10.41 19.06 5.29
C LYS B 19 10.53 19.22 6.81
N PRO B 20 10.36 18.15 7.58
CA PRO B 20 10.42 18.28 9.04
C PRO B 20 11.86 18.43 9.51
N PRO B 21 12.06 18.82 10.77
CA PRO B 21 13.42 18.86 11.31
C PRO B 21 14.09 17.50 11.19
N SER B 22 15.37 17.51 10.82
CA SER B 22 16.11 16.27 10.59
C SER B 22 16.04 15.35 11.81
N HIS B 23 16.09 15.92 13.02
CA HIS B 23 16.11 15.08 14.22
C HIS B 23 14.73 14.57 14.60
N TRP B 24 13.66 14.97 13.88
CA TRP B 24 12.33 14.42 14.11
C TRP B 24 12.05 13.17 13.28
N VAL B 25 12.87 12.88 12.29
CA VAL B 25 12.65 11.72 11.42
C VAL B 25 13.73 10.70 11.76
N PRO B 26 13.37 9.48 12.14
CA PRO B 26 14.39 8.47 12.44
C PRO B 26 15.09 8.01 11.18
N VAL B 27 16.30 7.49 11.36
CA VAL B 27 17.07 7.01 10.21
C VAL B 27 16.40 5.78 9.62
N SER B 28 16.74 5.48 8.36
CA SER B 28 16.18 4.33 7.68
C SER B 28 16.53 3.03 8.41
N PHE B 29 15.81 1.96 8.04
CA PHE B 29 15.96 0.68 8.71
C PHE B 29 17.38 0.15 8.60
N ASN B 30 17.95 0.19 7.40
CA ASN B 30 19.27 -0.39 7.16
C ASN B 30 20.27 0.69 6.79
N PRO B 31 21.39 0.82 7.52
CA PRO B 31 22.51 1.76 7.27
C PRO B 31 22.91 1.86 5.80
N SER C 5 -16.29 4.87 16.39
CA SER C 5 -16.22 5.49 17.70
C SER C 5 -17.39 5.09 18.58
N MET C 6 -17.35 5.52 19.84
CA MET C 6 -18.45 5.34 20.78
C MET C 6 -18.93 6.65 21.39
N SER C 7 -18.38 7.79 20.98
CA SER C 7 -18.58 9.06 21.67
C SER C 7 -20.04 9.48 21.79
N PHE C 8 -20.92 8.92 20.98
CA PHE C 8 -22.33 9.29 20.96
C PHE C 8 -23.25 8.18 21.44
N THR C 9 -22.71 7.01 21.80
CA THR C 9 -23.56 5.89 22.16
C THR C 9 -24.41 6.17 23.41
N ASN C 10 -24.01 7.14 24.24
CA ASN C 10 -24.74 7.45 25.45
C ASN C 10 -25.14 8.92 25.54
N ALA C 11 -25.20 9.61 24.41
CA ALA C 11 -25.59 11.02 24.39
C ALA C 11 -27.09 11.16 24.25
N THR C 12 -27.65 12.13 24.97
CA THR C 12 -29.02 12.54 24.71
C THR C 12 -29.09 13.29 23.38
N PHE C 13 -30.31 13.48 22.89
CA PHE C 13 -30.49 14.23 21.64
C PHE C 13 -30.00 15.66 21.81
N SER C 14 -30.19 16.24 22.99
CA SER C 14 -29.73 17.59 23.24
C SER C 14 -28.20 17.65 23.19
N GLN C 15 -27.54 16.67 23.80
CA GLN C 15 -26.08 16.63 23.74
C GLN C 15 -25.58 16.43 22.33
N VAL C 16 -26.39 15.78 21.48
CA VAL C 16 -26.01 15.61 20.08
C VAL C 16 -26.11 16.93 19.34
N LEU C 17 -27.17 17.70 19.60
CA LEU C 17 -27.29 19.01 18.97
C LEU C 17 -26.21 19.96 19.47
N ASP C 18 -25.83 19.84 20.75
CA ASP C 18 -24.70 20.61 21.26
C ASP C 18 -23.45 20.35 20.45
N ASP C 19 -23.13 19.07 20.23
CA ASP C 19 -21.92 18.73 19.49
C ASP C 19 -21.99 19.23 18.05
N LEU C 20 -23.13 19.01 17.39
CA LEU C 20 -23.26 19.39 15.99
C LEU C 20 -23.16 20.90 15.79
N SER C 21 -23.56 21.69 16.79
CA SER C 21 -23.49 23.13 16.67
C SER C 21 -22.07 23.65 16.85
N ALA C 22 -21.31 23.06 17.78
CA ALA C 22 -19.92 23.47 17.90
C ALA C 22 -19.08 22.90 16.76
N ARG C 23 -19.48 21.75 16.22
CA ARG C 23 -18.67 21.10 15.19
C ARG C 23 -18.82 21.77 13.84
N PHE C 24 -19.98 22.38 13.58
CA PHE C 24 -20.31 22.85 12.23
C PHE C 24 -20.72 24.32 12.16
N ILE C 25 -21.44 24.84 13.15
CA ILE C 25 -22.13 26.12 13.02
C ILE C 25 -21.42 27.23 13.80
N LEU C 26 -21.21 27.02 15.11
CA LEU C 26 -20.93 28.15 16.01
C LEU C 26 -19.58 28.80 15.74
N ASN C 27 -18.59 28.05 15.27
CA ASN C 27 -17.22 28.53 15.16
C ASN C 27 -16.79 28.72 13.71
N LEU C 28 -17.64 29.32 12.89
CA LEU C 28 -17.33 29.52 11.48
C LEU C 28 -16.52 30.80 11.27
N PRO C 29 -15.82 30.91 10.15
CA PRO C 29 -15.16 32.17 9.83
C PRO C 29 -16.17 33.28 9.60
N ALA C 30 -15.67 34.52 9.65
CA ALA C 30 -16.56 35.68 9.65
C ALA C 30 -17.46 35.72 8.42
N GLU C 31 -16.90 35.48 7.24
CA GLU C 31 -17.71 35.50 6.02
C GLU C 31 -18.63 34.29 5.94
N GLU C 32 -18.10 33.09 6.20
CA GLU C 32 -18.96 31.90 6.22
C GLU C 32 -20.05 32.04 7.26
N GLN C 33 -19.81 32.85 8.29
CA GLN C 33 -20.87 33.17 9.24
C GLN C 33 -21.93 34.07 8.62
N SER C 34 -21.59 34.78 7.55
CA SER C 34 -22.37 35.96 7.16
C SER C 34 -23.45 35.69 6.12
N SER C 35 -23.43 34.54 5.46
CA SER C 35 -24.37 34.26 4.38
C SER C 35 -25.32 33.13 4.75
N VAL C 36 -26.59 33.29 4.37
CA VAL C 36 -27.57 32.23 4.54
C VAL C 36 -27.14 30.99 3.77
N GLU C 37 -26.63 31.20 2.55
CA GLU C 37 -26.14 30.08 1.74
C GLU C 37 -25.05 29.31 2.48
N ARG C 38 -24.12 30.04 3.13
CA ARG C 38 -23.04 29.39 3.85
C ARG C 38 -23.52 28.63 5.08
N LEU C 39 -24.58 29.13 5.74
CA LEU C 39 -25.11 28.43 6.89
C LEU C 39 -25.82 27.14 6.49
N CYS C 40 -26.57 27.17 5.38
CA CYS C 40 -27.28 25.99 4.92
C CYS C 40 -26.32 24.85 4.61
N PHE C 41 -25.21 25.16 3.92
CA PHE C 41 -24.18 24.16 3.66
C PHE C 41 -23.71 23.50 4.95
N GLN C 42 -23.49 24.30 5.99
CA GLN C 42 -23.01 23.75 7.25
C GLN C 42 -24.11 22.96 7.96
N ILE C 43 -25.35 23.42 7.85
CA ILE C 43 -26.46 22.67 8.43
C ILE C 43 -26.65 21.35 7.69
N GLU C 44 -26.48 21.36 6.36
CA GLU C 44 -26.61 20.13 5.59
C GLU C 44 -25.47 19.16 5.89
N GLN C 45 -24.26 19.70 6.09
CA GLN C 45 -23.15 18.89 6.55
C GLN C 45 -23.43 18.28 7.92
N ALA C 46 -24.02 19.07 8.82
CA ALA C 46 -24.35 18.55 10.15
C ALA C 46 -25.43 17.47 10.05
N HIS C 47 -26.47 17.72 9.25
CA HIS C 47 -27.54 16.75 9.08
C HIS C 47 -27.01 15.42 8.56
N TRP C 48 -26.10 15.48 7.58
CA TRP C 48 -25.47 14.27 7.07
C TRP C 48 -24.64 13.58 8.16
N PHE C 49 -23.93 14.37 8.96
CA PHE C 49 -23.15 13.80 10.06
C PHE C 49 -24.06 13.06 11.03
N TYR C 50 -25.21 13.66 11.37
CA TYR C 50 -26.12 13.02 12.31
C TYR C 50 -26.72 11.75 11.71
N GLU C 51 -27.13 11.79 10.45
CA GLU C 51 -27.82 10.65 9.86
C GLU C 51 -26.85 9.51 9.57
N ASP C 52 -25.62 9.84 9.16
CA ASP C 52 -24.69 8.82 8.69
C ASP C 52 -23.83 8.22 9.80
N PHE C 53 -23.50 9.00 10.82
CA PHE C 53 -22.56 8.57 11.86
C PHE C 53 -23.19 8.46 13.23
N ILE C 54 -23.95 9.48 13.66
CA ILE C 54 -24.44 9.49 15.04
C ILE C 54 -25.53 8.46 15.24
N ARG C 55 -26.48 8.36 14.30
CA ARG C 55 -27.56 7.39 14.42
C ARG C 55 -27.03 5.95 14.43
N ALA C 56 -25.86 5.72 13.82
CA ALA C 56 -25.29 4.38 13.81
C ALA C 56 -24.90 3.94 15.22
N GLN C 57 -24.40 4.87 16.04
CA GLN C 57 -24.03 4.53 17.40
C GLN C 57 -25.24 4.45 18.32
N ASN C 58 -26.42 4.88 17.85
CA ASN C 58 -27.57 5.04 18.72
C ASN C 58 -28.83 5.21 17.88
N ASP C 59 -29.37 4.09 17.39
CA ASP C 59 -30.57 4.17 16.57
C ASP C 59 -31.81 4.55 17.37
N GLN C 60 -31.71 4.67 18.70
CA GLN C 60 -32.79 5.27 19.46
C GLN C 60 -32.98 6.73 19.08
N LEU C 61 -31.94 7.39 18.58
CA LEU C 61 -32.11 8.71 18.01
C LEU C 61 -32.92 8.61 16.72
N PRO C 62 -33.92 9.46 16.52
CA PRO C 62 -34.79 9.33 15.35
C PRO C 62 -34.11 9.83 14.08
N SER C 63 -34.49 9.19 12.97
CA SER C 63 -34.09 9.68 11.66
C SER C 63 -34.97 10.85 11.27
N LEU C 64 -34.35 11.92 10.77
CA LEU C 64 -35.04 13.17 10.50
C LEU C 64 -34.71 13.67 9.10
N GLY C 65 -35.72 14.22 8.44
CA GLY C 65 -35.47 14.95 7.22
C GLY C 65 -34.65 16.20 7.48
N LEU C 66 -34.05 16.71 6.42
CA LEU C 66 -33.18 17.88 6.53
C LEU C 66 -33.91 19.07 7.13
N ARG C 67 -35.15 19.29 6.70
CA ARG C 67 -35.88 20.48 7.14
C ARG C 67 -36.27 20.38 8.62
N VAL C 68 -36.78 19.22 9.05
CA VAL C 68 -37.14 19.05 10.46
C VAL C 68 -35.90 19.10 11.33
N PHE C 69 -34.80 18.48 10.88
CA PHE C 69 -33.55 18.53 11.62
C PHE C 69 -33.08 19.97 11.79
N SER C 70 -33.04 20.73 10.70
CA SER C 70 -32.60 22.12 10.77
C SER C 70 -33.45 22.93 11.73
N ALA C 71 -34.76 22.63 11.78
CA ALA C 71 -35.65 23.36 12.67
C ALA C 71 -35.32 23.08 14.13
N LYS C 72 -34.96 21.84 14.45
CA LYS C 72 -34.63 21.48 15.82
C LYS C 72 -33.25 22.01 16.22
N LEU C 73 -32.31 22.00 15.28
CA LEU C 73 -31.01 22.61 15.55
C LEU C 73 -31.15 24.12 15.73
N PHE C 74 -31.99 24.75 14.91
CA PHE C 74 -32.18 26.19 14.99
C PHE C 74 -32.80 26.60 16.32
N ALA C 75 -33.86 25.89 16.73
CA ALA C 75 -34.49 26.14 18.02
C ALA C 75 -33.60 25.76 19.20
N HIS C 76 -32.46 25.10 18.95
CA HIS C 76 -31.60 24.64 20.01
C HIS C 76 -30.62 25.69 20.49
N CYS C 77 -30.03 26.47 19.58
CA CYS C 77 -29.04 27.48 19.94
C CYS C 77 -29.54 28.87 19.54
N PRO C 78 -29.82 29.75 20.50
CA PRO C 78 -30.30 31.10 20.13
C PRO C 78 -29.27 31.95 19.39
N LEU C 79 -28.02 31.50 19.28
CA LEU C 79 -27.02 32.27 18.55
C LEU C 79 -27.26 32.29 17.05
N LEU C 80 -28.14 31.43 16.53
CA LEU C 80 -28.51 31.42 15.13
C LEU C 80 -29.77 32.23 14.85
N TRP C 81 -30.44 32.74 15.89
CA TRP C 81 -31.73 33.39 15.70
C TRP C 81 -31.61 34.71 14.95
N LYS C 82 -30.40 35.24 14.79
CA LYS C 82 -30.22 36.46 14.01
C LYS C 82 -30.64 36.28 12.57
N TRP C 83 -30.62 35.05 12.06
CA TRP C 83 -30.77 34.82 10.63
C TRP C 83 -32.23 34.82 10.20
N SER C 84 -33.13 34.35 11.07
CA SER C 84 -34.56 34.49 10.83
C SER C 84 -35.11 35.69 11.60
N LYS C 85 -34.39 36.82 11.51
CA LYS C 85 -34.77 38.00 12.30
C LYS C 85 -36.06 38.62 11.77
N VAL C 86 -36.20 38.74 10.46
CA VAL C 86 -37.37 39.43 9.91
C VAL C 86 -38.37 38.42 9.39
N HIS C 87 -37.87 37.34 8.79
CA HIS C 87 -38.71 36.25 8.28
C HIS C 87 -38.28 34.96 8.98
N GLU C 88 -39.18 34.39 9.78
CA GLU C 88 -38.86 33.17 10.52
C GLU C 88 -38.67 31.98 9.59
N GLU C 89 -39.54 31.85 8.58
CA GLU C 89 -39.47 30.76 7.62
C GLU C 89 -38.35 30.94 6.60
N ALA C 90 -37.58 32.03 6.68
CA ALA C 90 -36.59 32.34 5.65
C ALA C 90 -35.59 31.19 5.46
N PHE C 91 -35.01 30.71 6.57
CA PHE C 91 -33.99 29.68 6.46
C PHE C 91 -34.60 28.36 6.00
N ASP C 92 -35.81 28.02 6.47
CA ASP C 92 -36.50 26.85 5.95
C ASP C 92 -36.86 27.05 4.48
N ASP C 93 -37.35 28.24 4.13
CA ASP C 93 -37.68 28.52 2.73
C ASP C 93 -36.45 28.37 1.83
N PHE C 94 -35.30 28.86 2.29
CA PHE C 94 -34.08 28.69 1.50
C PHE C 94 -33.71 27.22 1.36
N LEU C 95 -33.76 26.48 2.47
CA LEU C 95 -33.49 25.04 2.40
C LEU C 95 -34.46 24.35 1.46
N ARG C 96 -35.72 24.77 1.48
CA ARG C 96 -36.78 24.00 0.82
C ARG C 96 -36.69 24.10 -0.70
N TYR C 97 -36.33 25.28 -1.21
CA TYR C 97 -36.29 25.53 -2.64
C TYR C 97 -34.88 25.57 -3.21
N LYS C 98 -33.87 25.35 -2.37
CA LYS C 98 -32.50 25.33 -2.85
C LYS C 98 -32.32 24.22 -3.89
N THR C 99 -31.67 24.57 -5.00
CA THR C 99 -31.37 23.62 -6.06
C THR C 99 -30.07 22.89 -5.73
N ARG C 100 -30.16 21.59 -5.52
CA ARG C 100 -29.04 20.74 -5.17
C ARG C 100 -28.61 19.92 -6.38
N ILE C 101 -27.52 19.17 -6.22
CA ILE C 101 -26.99 18.39 -7.33
C ILE C 101 -27.69 17.02 -7.36
N PRO C 102 -28.20 16.60 -8.52
CA PRO C 102 -28.83 15.28 -8.61
C PRO C 102 -27.76 14.19 -8.72
N VAL C 103 -27.84 13.22 -7.82
CA VAL C 103 -27.00 12.03 -7.89
C VAL C 103 -27.92 10.81 -7.93
N ARG C 104 -27.57 9.85 -8.78
CA ARG C 104 -28.43 8.71 -9.04
C ARG C 104 -27.62 7.43 -8.93
N GLY C 105 -28.27 6.36 -8.52
CA GLY C 105 -27.63 5.07 -8.42
C GLY C 105 -28.64 3.98 -8.22
N ALA C 106 -28.19 2.86 -7.66
CA ALA C 106 -29.08 1.74 -7.46
C ALA C 106 -28.73 1.00 -6.19
N ILE C 107 -29.76 0.44 -5.56
CA ILE C 107 -29.62 -0.57 -4.53
C ILE C 107 -29.92 -1.91 -5.18
N MET C 108 -28.89 -2.71 -5.42
CA MET C 108 -29.04 -4.01 -6.07
C MET C 108 -29.11 -5.10 -5.00
N LEU C 109 -30.24 -5.80 -4.95
CA LEU C 109 -30.48 -6.87 -4.00
C LEU C 109 -30.39 -8.22 -4.71
N ASP C 110 -30.02 -9.25 -3.97
CA ASP C 110 -30.07 -10.61 -4.48
C ASP C 110 -31.52 -11.06 -4.60
N MET C 111 -31.72 -12.30 -5.05
CA MET C 111 -33.08 -12.82 -5.23
C MET C 111 -33.83 -12.86 -3.90
N SER C 112 -33.16 -13.28 -2.83
CA SER C 112 -33.79 -13.40 -1.53
C SER C 112 -33.94 -12.07 -0.81
N MET C 113 -33.39 -10.98 -1.36
CA MET C 113 -33.51 -9.63 -0.79
C MET C 113 -32.93 -9.57 0.62
N GLN C 114 -31.79 -10.24 0.82
CA GLN C 114 -31.09 -10.21 2.08
C GLN C 114 -29.66 -9.72 1.93
N GLN C 115 -29.19 -9.51 0.70
CA GLN C 115 -27.87 -8.99 0.43
C GLN C 115 -27.97 -7.84 -0.56
N CYS C 116 -26.95 -6.99 -0.56
CA CYS C 116 -26.91 -5.84 -1.47
C CYS C 116 -25.46 -5.60 -1.90
N VAL C 117 -25.33 -4.86 -3.00
CA VAL C 117 -24.03 -4.56 -3.60
C VAL C 117 -23.54 -3.23 -3.05
N LEU C 118 -22.28 -3.22 -2.59
CA LEU C 118 -21.65 -2.01 -2.06
C LEU C 118 -20.28 -1.85 -2.70
N VAL C 119 -19.86 -0.59 -2.85
CA VAL C 119 -18.58 -0.24 -3.47
C VAL C 119 -17.75 0.52 -2.46
N LYS C 120 -16.44 0.28 -2.48
CA LYS C 120 -15.49 0.92 -1.57
C LYS C 120 -14.37 1.57 -2.36
N GLY C 121 -13.97 2.77 -1.94
CA GLY C 121 -12.86 3.47 -2.53
C GLY C 121 -11.53 2.93 -2.04
N TRP C 122 -10.46 3.53 -2.54
CA TRP C 122 -9.12 3.03 -2.23
C TRP C 122 -8.67 3.44 -0.84
N LYS C 123 -9.04 4.63 -0.39
CA LYS C 123 -8.53 5.15 0.86
C LYS C 123 -9.08 4.36 2.05
N ALA C 124 -8.28 4.28 3.11
CA ALA C 124 -8.76 3.70 4.35
C ALA C 124 -9.94 4.48 4.90
N SER C 125 -10.00 5.79 4.64
CA SER C 125 -11.14 6.59 5.09
C SER C 125 -12.39 6.29 4.28
N SER C 126 -12.24 5.89 3.02
CA SER C 126 -13.39 5.58 2.19
C SER C 126 -14.21 4.45 2.80
N GLY C 127 -15.53 4.65 2.85
CA GLY C 127 -16.43 3.63 3.36
C GLY C 127 -17.26 3.00 2.27
N TRP C 128 -17.89 1.87 2.58
CA TRP C 128 -18.76 1.21 1.62
C TRP C 128 -19.99 2.08 1.35
N GLY C 129 -20.46 2.06 0.10
CA GLY C 129 -21.63 2.82 -0.28
C GLY C 129 -22.30 2.19 -1.48
N PHE C 130 -23.49 2.68 -1.78
CA PHE C 130 -24.16 2.19 -2.97
C PHE C 130 -23.55 2.85 -4.21
N PRO C 131 -23.45 2.13 -5.33
CA PRO C 131 -22.97 2.76 -6.56
C PRO C 131 -23.90 3.89 -6.98
N LYS C 132 -23.33 5.07 -7.14
CA LYS C 132 -24.11 6.28 -7.41
C LYS C 132 -23.17 7.36 -7.89
N GLY C 133 -23.74 8.39 -8.51
CA GLY C 133 -22.91 9.49 -8.98
C GLY C 133 -23.75 10.62 -9.51
N LYS C 134 -23.07 11.72 -9.83
CA LYS C 134 -23.74 12.94 -10.24
C LYS C 134 -24.14 12.87 -11.70
N ILE C 135 -25.27 13.50 -12.01
CA ILE C 135 -25.89 13.41 -13.32
C ILE C 135 -25.14 14.30 -14.32
N ASP C 136 -25.03 13.82 -15.55
CA ASP C 136 -24.50 14.65 -16.62
C ASP C 136 -25.61 15.54 -17.19
N LYS C 137 -25.20 16.60 -17.87
CA LYS C 137 -26.15 17.54 -18.43
C LYS C 137 -27.01 16.84 -19.48
N ASP C 138 -28.32 17.00 -19.36
CA ASP C 138 -29.33 16.41 -20.25
C ASP C 138 -29.53 14.93 -20.02
N GLU C 139 -28.74 14.31 -19.17
CA GLU C 139 -28.91 12.90 -18.87
C GLU C 139 -30.20 12.69 -18.08
N SER C 140 -30.97 11.69 -18.47
CA SER C 140 -32.17 11.36 -17.72
C SER C 140 -31.79 10.73 -16.38
N ASP C 141 -32.74 10.71 -15.44
CA ASP C 141 -32.44 10.15 -14.13
C ASP C 141 -32.11 8.67 -14.23
N VAL C 142 -32.77 7.95 -15.14
CA VAL C 142 -32.56 6.52 -15.27
C VAL C 142 -31.24 6.22 -15.96
N ASP C 143 -30.92 6.96 -17.03
CA ASP C 143 -29.65 6.76 -17.72
C ASP C 143 -28.47 7.04 -16.79
N CYS C 144 -28.62 7.99 -15.87
CA CYS C 144 -27.55 8.29 -14.92
C CYS C 144 -27.32 7.13 -13.96
N ALA C 145 -28.40 6.56 -13.44
CA ALA C 145 -28.26 5.41 -12.55
C ALA C 145 -27.65 4.23 -13.28
N ILE C 146 -28.10 3.97 -14.52
CA ILE C 146 -27.53 2.88 -15.31
C ILE C 146 -26.05 3.13 -15.56
N ARG C 147 -25.70 4.35 -15.96
CA ARG C 147 -24.30 4.64 -16.25
C ARG C 147 -23.43 4.53 -15.00
N GLU C 148 -23.92 5.05 -13.86
CA GLU C 148 -23.11 5.02 -12.64
C GLU C 148 -22.92 3.61 -12.12
N VAL C 149 -23.98 2.81 -12.14
CA VAL C 149 -23.88 1.41 -11.69
C VAL C 149 -22.89 0.66 -12.57
N TYR C 150 -22.97 0.85 -13.89
CA TYR C 150 -22.09 0.11 -14.80
C TYR C 150 -20.66 0.64 -14.73
N GLU C 151 -20.48 1.93 -14.43
CA GLU C 151 -19.14 2.47 -14.37
C GLU C 151 -18.40 2.04 -13.11
N GLU C 152 -19.13 1.80 -12.02
CA GLU C 152 -18.52 1.47 -10.75
C GLU C 152 -18.50 -0.03 -10.46
N THR C 153 -19.53 -0.77 -10.89
CA THR C 153 -19.59 -2.20 -10.66
C THR C 153 -19.43 -3.03 -11.94
N GLY C 154 -19.40 -2.39 -13.11
CA GLY C 154 -19.28 -3.12 -14.35
C GLY C 154 -20.51 -3.90 -14.75
N PHE C 155 -21.59 -3.78 -13.99
CA PHE C 155 -22.83 -4.50 -14.27
C PHE C 155 -23.81 -3.59 -14.99
N ASP C 156 -24.41 -4.12 -16.05
CA ASP C 156 -25.43 -3.40 -16.81
C ASP C 156 -26.80 -3.80 -16.26
N CYS C 157 -27.50 -2.84 -15.67
CA CYS C 157 -28.81 -3.07 -15.09
C CYS C 157 -29.93 -2.46 -15.92
N SER C 158 -29.66 -2.10 -17.18
CA SER C 158 -30.61 -1.35 -17.98
C SER C 158 -31.84 -2.16 -18.34
N SER C 159 -31.78 -3.49 -18.26
CA SER C 159 -32.90 -4.33 -18.60
C SER C 159 -33.74 -4.74 -17.40
N ARG C 160 -33.27 -4.47 -16.18
CA ARG C 160 -34.00 -4.83 -14.97
C ARG C 160 -34.33 -3.65 -14.08
N ILE C 161 -33.83 -2.45 -14.37
CA ILE C 161 -34.13 -1.30 -13.54
C ILE C 161 -35.59 -0.90 -13.74
N ASN C 162 -36.27 -0.57 -12.64
CA ASN C 162 -37.67 -0.17 -12.69
C ASN C 162 -37.77 1.31 -12.39
N PRO C 163 -38.10 2.17 -13.35
CA PRO C 163 -38.06 3.62 -13.12
C PRO C 163 -39.00 4.10 -12.03
N ASN C 164 -39.96 3.27 -11.61
CA ASN C 164 -40.93 3.64 -10.59
C ASN C 164 -40.55 3.15 -9.20
N GLU C 165 -39.42 2.47 -9.06
CA GLU C 165 -39.03 1.87 -7.78
C GLU C 165 -37.70 2.48 -7.35
N PHE C 166 -37.76 3.43 -6.42
CA PHE C 166 -36.57 4.14 -5.98
C PHE C 166 -36.83 4.74 -4.60
N ILE C 167 -35.76 5.20 -3.97
CA ILE C 167 -35.83 5.95 -2.72
C ILE C 167 -35.20 7.32 -2.95
N ASP C 168 -35.95 8.37 -2.65
CA ASP C 168 -35.41 9.72 -2.71
C ASP C 168 -34.92 10.13 -1.34
N MET C 169 -33.84 10.91 -1.33
CA MET C 169 -33.17 11.27 -0.09
C MET C 169 -32.35 12.54 -0.32
N THR C 170 -32.73 13.61 0.36
CA THR C 170 -31.94 14.85 0.34
C THR C 170 -30.93 14.80 1.47
N ILE C 171 -29.65 14.75 1.11
CA ILE C 171 -28.58 14.51 2.09
C ILE C 171 -27.30 15.17 1.61
N ARG C 172 -26.60 15.82 2.56
CA ARG C 172 -25.30 16.48 2.31
C ARG C 172 -25.35 17.36 1.06
N GLY C 173 -26.45 18.10 0.92
CA GLY C 173 -26.62 18.98 -0.22
C GLY C 173 -26.84 18.28 -1.55
N GLN C 174 -27.20 17.01 -1.54
CA GLN C 174 -27.41 16.23 -2.75
C GLN C 174 -28.83 15.70 -2.79
N ASN C 175 -29.44 15.73 -3.97
CA ASN C 175 -30.73 15.10 -4.21
C ASN C 175 -30.45 13.69 -4.73
N VAL C 176 -30.43 12.72 -3.82
CA VAL C 176 -30.03 11.35 -4.14
C VAL C 176 -31.26 10.52 -4.43
N ARG C 177 -31.23 9.77 -5.52
CA ARG C 177 -32.27 8.81 -5.86
C ARG C 177 -31.60 7.48 -6.21
N LEU C 178 -31.86 6.46 -5.41
CA LEU C 178 -31.35 5.11 -5.63
C LEU C 178 -32.50 4.21 -6.06
N TYR C 179 -32.40 3.65 -7.26
CA TYR C 179 -33.40 2.71 -7.73
C TYR C 179 -33.14 1.33 -7.13
N ILE C 180 -34.22 0.67 -6.72
CA ILE C 180 -34.14 -0.65 -6.12
C ILE C 180 -34.26 -1.70 -7.21
N ILE C 181 -33.27 -2.59 -7.27
CA ILE C 181 -33.25 -3.65 -8.28
C ILE C 181 -33.04 -4.99 -7.59
N PRO C 182 -34.07 -5.80 -7.42
CA PRO C 182 -33.87 -7.13 -6.82
C PRO C 182 -33.69 -8.23 -7.86
N GLY C 183 -33.32 -9.41 -7.39
CA GLY C 183 -33.15 -10.56 -8.25
C GLY C 183 -31.79 -10.68 -8.90
N ILE C 184 -30.80 -9.93 -8.45
CA ILE C 184 -29.47 -10.00 -9.05
C ILE C 184 -28.80 -11.30 -8.64
N SER C 185 -28.16 -11.96 -9.60
CA SER C 185 -27.50 -13.22 -9.33
C SER C 185 -26.26 -13.01 -8.48
N LEU C 186 -26.10 -13.84 -7.44
CA LEU C 186 -24.89 -13.81 -6.63
C LEU C 186 -23.67 -14.26 -7.42
N ASP C 187 -23.88 -14.90 -8.58
CA ASP C 187 -22.80 -15.28 -9.47
C ASP C 187 -22.29 -14.11 -10.30
N THR C 188 -22.94 -12.95 -10.23
CA THR C 188 -22.58 -11.82 -11.08
C THR C 188 -21.14 -11.42 -10.83
N ARG C 189 -20.36 -11.41 -11.91
CA ARG C 189 -18.94 -11.06 -11.84
C ARG C 189 -18.81 -9.55 -11.93
N PHE C 190 -18.40 -8.93 -10.84
CA PHE C 190 -18.26 -7.48 -10.76
C PHE C 190 -16.83 -7.05 -11.07
N GLU C 191 -16.70 -5.92 -11.77
CA GLU C 191 -15.41 -5.32 -12.07
C GLU C 191 -15.65 -3.85 -12.38
N SER C 192 -14.68 -3.01 -12.06
CA SER C 192 -14.83 -1.57 -12.17
C SER C 192 -14.34 -1.06 -13.52
N ARG C 193 -15.14 -0.20 -14.16
CA ARG C 193 -14.79 0.42 -15.43
C ARG C 193 -13.91 1.66 -15.26
N THR C 194 -13.80 2.20 -14.05
CA THR C 194 -13.08 3.45 -13.81
C THR C 194 -11.60 3.33 -14.14
N GLU C 197 -10.33 4.07 -9.05
CA GLU C 197 -11.29 4.82 -8.25
C GLU C 197 -12.06 3.92 -7.29
N ILE C 198 -12.58 2.82 -7.82
CA ILE C 198 -13.26 1.81 -7.02
C ILE C 198 -12.25 0.74 -6.61
N SER C 199 -12.17 0.47 -5.32
CA SER C 199 -11.26 -0.55 -4.80
C SER C 199 -11.85 -1.95 -4.84
N LYS C 200 -13.12 -2.11 -4.47
CA LYS C 200 -13.74 -3.41 -4.53
C LYS C 200 -15.26 -3.26 -4.56
N ILE C 201 -15.91 -4.28 -5.12
CA ILE C 201 -17.36 -4.43 -5.12
C ILE C 201 -17.69 -5.71 -4.37
N GLU C 202 -18.63 -5.64 -3.44
CA GLU C 202 -18.93 -6.81 -2.61
C GLU C 202 -20.39 -6.84 -2.21
N TRP C 203 -20.90 -8.06 -2.04
CA TRP C 203 -22.20 -8.26 -1.43
C TRP C 203 -22.07 -8.18 0.09
N HIS C 204 -22.98 -7.46 0.73
CA HIS C 204 -23.09 -7.42 2.18
C HIS C 204 -24.46 -7.93 2.59
N ASN C 205 -24.51 -8.58 3.75
CA ASN C 205 -25.79 -8.94 4.34
C ASN C 205 -26.45 -7.70 4.92
N LEU C 206 -27.73 -7.51 4.62
CA LEU C 206 -28.42 -6.31 5.09
C LEU C 206 -28.44 -6.26 6.61
N MET C 207 -28.59 -7.42 7.27
CA MET C 207 -28.68 -7.44 8.73
C MET C 207 -27.34 -7.23 9.41
N ASP C 208 -26.25 -7.16 8.65
CA ASP C 208 -24.96 -6.76 9.20
C ASP C 208 -24.71 -5.26 9.11
N LEU C 209 -25.58 -4.53 8.43
CA LEU C 209 -25.40 -3.09 8.30
C LEU C 209 -25.94 -2.38 9.53
N PRO C 210 -25.30 -1.30 9.97
CA PRO C 210 -25.71 -0.64 11.21
C PRO C 210 -27.12 -0.08 11.11
N THR C 211 -27.89 -0.22 12.20
CA THR C 211 -29.27 0.20 12.42
C THR C 211 -30.27 -0.67 11.67
N PHE C 212 -29.84 -1.57 10.79
CA PHE C 212 -30.80 -2.45 10.12
C PHE C 212 -31.45 -3.39 11.13
N LYS C 213 -30.69 -3.88 12.08
CA LYS C 213 -31.25 -4.62 13.19
C LYS C 213 -31.89 -3.65 14.18
N LYS C 214 -32.88 -4.16 14.91
CA LYS C 214 -33.75 -3.28 15.71
C LYS C 214 -32.96 -2.54 16.77
N ASN C 215 -32.09 -3.24 17.51
CA ASN C 215 -31.27 -2.57 18.53
C ASN C 215 -29.98 -3.39 18.69
N LYS C 216 -29.07 -3.23 17.73
CA LYS C 216 -27.79 -3.94 17.72
C LYS C 216 -26.71 -3.01 17.17
N PRO C 217 -26.14 -2.15 18.02
CA PRO C 217 -24.94 -1.40 17.61
C PRO C 217 -23.70 -2.29 17.68
N ASN C 222 -17.75 -1.64 9.50
CA ASN C 222 -18.23 -0.60 10.40
C ASN C 222 -18.17 0.79 9.77
N LYS C 223 -17.64 0.87 8.56
CA LYS C 223 -17.45 2.15 7.87
C LYS C 223 -18.32 2.18 6.62
N PHE C 224 -19.33 3.04 6.63
CA PHE C 224 -20.28 3.15 5.54
C PHE C 224 -20.57 4.60 5.24
N TYR C 225 -20.74 4.93 3.97
CA TYR C 225 -21.01 6.29 3.52
C TYR C 225 -22.36 6.32 2.84
N MET C 226 -23.28 7.09 3.42
CA MET C 226 -24.59 7.33 2.82
C MET C 226 -25.34 6.03 2.55
N VAL C 227 -25.24 5.10 3.49
CA VAL C 227 -25.95 3.83 3.42
C VAL C 227 -27.07 3.76 4.44
N ILE C 228 -26.76 4.02 5.71
CA ILE C 228 -27.69 3.95 6.83
C ILE C 228 -28.99 4.72 6.61
N PRO C 229 -28.97 5.96 6.06
CA PRO C 229 -30.24 6.67 5.84
C PRO C 229 -31.23 5.92 4.96
N PHE C 230 -30.76 5.03 4.08
CA PHE C 230 -31.65 4.28 3.20
C PHE C 230 -32.15 2.98 3.80
N LEU C 231 -31.61 2.56 4.95
CA LEU C 231 -31.92 1.24 5.48
C LEU C 231 -33.38 1.16 5.93
N ALA C 232 -33.90 2.22 6.56
CA ALA C 232 -35.30 2.19 6.98
C ALA C 232 -36.27 2.17 5.81
N PRO C 233 -36.15 3.05 4.80
CA PRO C 233 -37.09 2.95 3.66
C PRO C 233 -36.90 1.68 2.85
N LEU C 234 -35.66 1.20 2.71
CA LEU C 234 -35.44 -0.08 2.04
C LEU C 234 -36.09 -1.21 2.80
N LYS C 235 -35.96 -1.20 4.13
CA LYS C 235 -36.56 -2.24 4.96
C LYS C 235 -38.08 -2.29 4.76
N LYS C 236 -38.73 -1.13 4.74
CA LYS C 236 -40.16 -1.10 4.44
C LYS C 236 -40.44 -1.62 3.04
N TRP C 237 -39.62 -1.23 2.07
CA TRP C 237 -39.84 -1.68 0.69
C TRP C 237 -39.78 -3.20 0.60
N ILE C 238 -38.76 -3.80 1.24
CA ILE C 238 -38.62 -5.24 1.23
C ILE C 238 -39.79 -5.90 1.95
N LYS C 239 -40.25 -5.30 3.06
CA LYS C 239 -41.37 -5.88 3.79
C LYS C 239 -42.64 -5.89 2.95
N LYS C 240 -42.93 -4.77 2.28
CA LYS C 240 -44.12 -4.70 1.43
C LYS C 240 -44.08 -5.76 0.35
N ARG C 241 -42.93 -5.90 -0.32
CA ARG C 241 -42.79 -6.94 -1.32
C ARG C 241 -42.84 -8.33 -0.70
N ASN C 242 -42.26 -8.48 0.50
CA ASN C 242 -42.28 -9.78 1.17
C ASN C 242 -43.69 -10.21 1.54
N ILE C 243 -44.48 -9.28 2.08
CA ILE C 243 -45.88 -9.57 2.38
C ILE C 243 -46.64 -9.91 1.09
N ALA C 244 -46.36 -9.17 0.01
CA ALA C 244 -47.08 -9.39 -1.24
C ALA C 244 -46.82 -10.79 -1.80
N ASN C 245 -45.59 -11.28 -1.67
CA ASN C 245 -45.23 -12.60 -2.19
C ASN C 245 -45.56 -13.70 -1.19
N MET D 4 33.63 -34.81 7.57
CA MET D 4 35.08 -34.72 7.67
C MET D 4 35.48 -33.41 8.35
N GLU D 5 36.51 -33.44 9.20
CA GLU D 5 36.93 -32.20 9.83
C GLU D 5 37.60 -31.29 8.80
N ASP D 6 38.36 -31.88 7.88
CA ASP D 6 38.96 -31.10 6.81
C ASP D 6 37.89 -30.38 5.99
N GLU D 7 36.69 -30.98 5.91
CA GLU D 7 35.58 -30.36 5.18
C GLU D 7 35.24 -29.00 5.75
N ASN D 8 35.02 -28.93 7.07
CA ASN D 8 34.66 -27.68 7.73
C ASN D 8 35.80 -26.68 7.80
N ILE D 9 37.05 -27.14 7.74
CA ILE D 9 38.18 -26.20 7.79
C ILE D 9 38.17 -25.30 6.57
N LEU D 10 37.81 -25.82 5.40
CA LEU D 10 37.72 -24.95 4.24
C LEU D 10 36.38 -24.22 4.20
N ARG D 11 35.30 -24.86 4.66
CA ARG D 11 34.01 -24.17 4.72
C ARG D 11 34.05 -22.99 5.69
N ASN D 12 34.61 -23.21 6.89
CA ASN D 12 34.76 -22.10 7.83
C ASN D 12 35.71 -21.05 7.30
N ALA D 13 36.78 -21.47 6.62
CA ALA D 13 37.74 -20.52 6.07
C ALA D 13 37.11 -19.63 5.02
N VAL D 14 36.31 -20.21 4.12
CA VAL D 14 35.69 -19.42 3.05
C VAL D 14 34.65 -18.47 3.63
N ASN D 15 33.82 -18.96 4.56
CA ASN D 15 32.79 -18.11 5.16
C ASN D 15 33.39 -16.87 5.79
N LEU D 16 34.40 -17.06 6.64
CA LEU D 16 35.03 -15.92 7.30
C LEU D 16 35.75 -15.03 6.29
N GLN D 17 36.30 -15.64 5.24
CA GLN D 17 36.94 -14.86 4.18
C GLN D 17 35.93 -13.99 3.45
N VAL D 18 34.70 -14.49 3.28
CA VAL D 18 33.67 -13.74 2.58
C VAL D 18 33.18 -12.59 3.45
N LEU D 19 32.88 -12.88 4.72
CA LEU D 19 32.39 -11.84 5.64
C LEU D 19 33.38 -10.69 5.75
N LYS D 20 34.68 -11.00 5.80
CA LYS D 20 35.69 -9.96 5.92
C LYS D 20 35.79 -9.10 4.67
N PHE D 21 35.42 -9.64 3.50
CA PHE D 21 35.44 -8.86 2.28
C PHE D 21 34.38 -7.76 2.30
N HIS D 22 33.21 -8.04 2.86
CA HIS D 22 32.19 -7.00 3.00
C HIS D 22 32.38 -6.17 4.27
N TYR D 23 32.89 -6.78 5.34
CA TYR D 23 33.00 -6.11 6.64
C TYR D 23 34.38 -6.40 7.20
N PRO D 24 35.37 -5.55 6.89
CA PRO D 24 36.75 -5.84 7.34
C PRO D 24 36.91 -6.03 8.84
N GLU D 25 36.12 -5.32 9.66
CA GLU D 25 36.25 -5.47 11.11
C GLU D 25 35.85 -6.84 11.64
N ILE D 26 35.24 -7.70 10.81
CA ILE D 26 34.86 -9.02 11.27
C ILE D 26 36.10 -9.80 11.68
N GLU D 27 36.04 -10.45 12.83
CA GLU D 27 37.19 -11.22 13.32
C GLU D 27 36.95 -12.71 13.37
N SER D 28 35.76 -13.15 13.77
CA SER D 28 35.47 -14.57 13.88
C SER D 28 33.97 -14.81 13.74
N ILE D 29 33.62 -16.05 13.41
CA ILE D 29 32.24 -16.49 13.29
C ILE D 29 31.90 -17.30 14.54
N ILE D 30 30.93 -16.82 15.32
CA ILE D 30 30.53 -17.54 16.53
C ILE D 30 29.63 -18.73 16.18
N ASP D 31 28.64 -18.52 15.32
CA ASP D 31 27.69 -19.58 14.98
C ASP D 31 27.01 -19.21 13.67
N ILE D 32 26.33 -20.19 13.07
CA ILE D 32 25.72 -20.04 11.75
C ILE D 32 24.32 -20.65 11.75
N ALA D 33 23.41 -20.02 11.01
CA ALA D 33 22.07 -20.53 10.76
C ALA D 33 21.88 -20.65 9.26
N SER D 34 21.35 -21.81 8.81
CA SER D 34 21.33 -22.13 7.38
C SER D 34 20.51 -21.13 6.57
N HIS D 35 19.34 -20.75 7.07
CA HIS D 35 18.46 -19.85 6.33
C HIS D 35 17.59 -19.07 7.30
N VAL D 36 17.56 -17.75 7.15
CA VAL D 36 16.73 -16.87 7.98
C VAL D 36 16.03 -15.84 7.10
N ALA D 37 14.81 -15.50 7.47
CA ALA D 37 14.05 -14.39 6.91
C ALA D 37 13.98 -13.25 7.91
N VAL D 38 14.00 -12.02 7.41
CA VAL D 38 14.01 -10.82 8.23
C VAL D 38 12.70 -10.06 8.03
N TYR D 39 12.08 -9.66 9.14
CA TYR D 39 10.89 -8.82 9.12
C TYR D 39 11.18 -7.56 9.92
N GLN D 40 10.49 -6.47 9.59
CA GLN D 40 10.58 -5.24 10.36
C GLN D 40 9.18 -4.71 10.62
N PHE D 41 8.95 -4.24 11.84
CA PHE D 41 7.66 -3.71 12.26
C PHE D 41 7.60 -2.22 11.90
N ASP D 42 6.52 -1.84 11.22
CA ASP D 42 6.34 -0.47 10.76
C ASP D 42 5.60 0.32 11.82
N VAL D 43 6.29 1.30 12.42
CA VAL D 43 5.63 2.14 13.42
C VAL D 43 4.56 3.00 12.76
N GLY D 44 3.56 3.38 13.54
CA GLY D 44 2.48 4.17 12.96
C GLY D 44 1.53 3.30 12.18
N SER D 45 2.04 2.53 11.22
CA SER D 45 1.23 1.52 10.54
C SER D 45 0.84 0.38 11.47
N GLN D 46 1.62 0.14 12.52
CA GLN D 46 1.37 -0.93 13.47
C GLN D 46 1.28 -2.29 12.77
N LYS D 47 2.18 -2.51 11.81
CA LYS D 47 2.23 -3.77 11.08
C LYS D 47 3.67 -4.26 10.95
N TRP D 48 3.80 -5.57 10.75
CA TRP D 48 5.05 -6.18 10.33
C TRP D 48 5.19 -6.07 8.80
N LEU D 49 6.43 -5.88 8.35
CA LEU D 49 6.72 -5.79 6.93
C LEU D 49 7.66 -6.89 6.48
N LYS D 50 7.56 -7.26 5.20
CA LYS D 50 8.52 -8.14 4.57
C LYS D 50 9.71 -7.32 4.11
N THR D 51 10.91 -7.72 4.53
CA THR D 51 12.11 -6.94 4.25
C THR D 51 12.84 -7.36 2.98
N SER D 52 12.51 -8.52 2.42
CA SER D 52 13.16 -9.09 1.24
C SER D 52 14.64 -9.38 1.47
N ILE D 53 15.05 -9.48 2.73
CA ILE D 53 16.40 -9.89 3.10
C ILE D 53 16.30 -11.34 3.57
N GLU D 54 16.97 -12.25 2.86
CA GLU D 54 16.82 -13.68 3.13
C GLU D 54 18.12 -14.39 2.79
N GLY D 55 18.57 -15.27 3.68
CA GLY D 55 19.74 -16.05 3.38
C GLY D 55 20.37 -16.62 4.64
N THR D 56 21.66 -16.91 4.53
CA THR D 56 22.41 -17.53 5.61
C THR D 56 22.74 -16.50 6.70
N PHE D 57 22.68 -16.95 7.95
CA PHE D 57 22.83 -16.11 9.12
C PHE D 57 24.18 -16.42 9.76
N PHE D 58 25.01 -15.39 9.93
CA PHE D 58 26.32 -15.54 10.57
C PHE D 58 26.32 -14.72 11.84
N LEU D 59 26.56 -15.37 12.97
CA LEU D 59 26.75 -14.65 14.22
C LEU D 59 28.25 -14.40 14.33
N VAL D 60 28.63 -13.13 14.45
CA VAL D 60 30.04 -12.75 14.33
C VAL D 60 30.48 -12.01 15.58
N LYS D 61 31.78 -12.09 15.85
CA LYS D 61 32.44 -11.36 16.93
C LYS D 61 33.36 -10.34 16.28
N ASP D 62 33.34 -9.12 16.79
CA ASP D 62 33.96 -8.00 16.09
C ASP D 62 35.41 -7.80 16.52
N GLN D 63 36.12 -6.98 15.72
CA GLN D 63 37.49 -6.61 16.04
C GLN D 63 37.55 -5.99 17.43
N ARG D 64 36.55 -5.18 17.78
CA ARG D 64 36.42 -4.59 19.10
C ARG D 64 35.73 -5.52 20.08
N ALA D 65 35.58 -6.81 19.73
CA ALA D 65 34.92 -7.86 20.51
C ALA D 65 33.41 -7.70 20.53
N ARG D 66 32.86 -6.81 19.70
CA ARG D 66 31.41 -6.63 19.66
C ARG D 66 30.73 -7.85 19.03
N VAL D 67 29.49 -8.06 19.43
CA VAL D 67 28.66 -9.15 18.90
C VAL D 67 27.66 -8.57 17.91
N GLY D 68 27.50 -9.26 16.78
CA GLY D 68 26.54 -8.86 15.77
C GLY D 68 26.24 -10.05 14.88
N TYR D 69 25.32 -9.84 13.94
CA TYR D 69 25.01 -10.88 12.98
C TYR D 69 24.96 -10.29 11.57
N VAL D 70 25.50 -11.04 10.61
CA VAL D 70 25.43 -10.72 9.20
C VAL D 70 24.49 -11.71 8.53
N ILE D 71 23.64 -11.20 7.63
CA ILE D 71 22.80 -12.04 6.81
C ILE D 71 23.16 -11.75 5.35
N LEU D 72 23.71 -12.75 4.68
CA LEU D 72 24.07 -12.62 3.26
C LEU D 72 22.81 -12.82 2.43
N ASN D 73 22.30 -11.75 1.86
CA ASN D 73 21.02 -11.79 1.17
C ASN D 73 21.13 -12.61 -0.11
N ARG D 74 20.15 -13.50 -0.31
CA ARG D 74 20.08 -14.31 -1.52
C ARG D 74 19.28 -13.65 -2.63
N ASN D 75 18.55 -12.56 -2.33
CA ASN D 75 17.69 -11.92 -3.31
C ASN D 75 18.30 -10.67 -3.93
N SER D 76 19.33 -10.10 -3.30
CA SER D 76 19.97 -8.88 -3.76
C SER D 76 21.28 -8.72 -3.01
N PRO D 77 22.18 -7.86 -3.48
CA PRO D 77 23.45 -7.64 -2.76
C PRO D 77 23.29 -6.90 -1.44
N GLU D 78 22.09 -6.46 -1.10
CA GLU D 78 21.84 -5.72 0.14
C GLU D 78 21.84 -6.70 1.32
N ASN D 79 22.92 -6.68 2.11
CA ASN D 79 23.00 -7.53 3.28
C ASN D 79 22.49 -6.78 4.52
N LEU D 80 22.41 -7.48 5.63
CA LEU D 80 22.02 -6.89 6.91
C LEU D 80 23.10 -7.20 7.94
N TYR D 81 23.62 -6.16 8.57
CA TYR D 81 24.62 -6.30 9.62
C TYR D 81 24.19 -5.45 10.81
N LEU D 82 23.76 -6.10 11.88
CA LEU D 82 23.23 -5.42 13.05
C LEU D 82 23.94 -5.96 14.30
N PHE D 83 24.29 -5.05 15.19
CA PHE D 83 24.95 -5.40 16.44
C PHE D 83 23.93 -5.69 17.54
N ILE D 84 24.35 -6.49 18.51
CA ILE D 84 23.54 -6.85 19.68
C ILE D 84 24.16 -6.20 20.90
N ASN D 85 23.42 -5.30 21.56
CA ASN D 85 24.00 -4.58 22.69
C ASN D 85 23.75 -5.27 24.02
N HIS D 86 22.62 -5.96 24.17
CA HIS D 86 22.29 -6.55 25.46
C HIS D 86 21.40 -7.76 25.24
N PRO D 87 21.55 -8.81 26.06
CA PRO D 87 20.59 -9.92 26.00
C PRO D 87 19.15 -9.44 25.99
N SER D 88 18.85 -8.36 26.73
CA SER D 88 17.51 -7.81 26.76
C SER D 88 17.06 -7.28 25.40
N ASN D 89 18.00 -7.02 24.49
CA ASN D 89 17.62 -6.50 23.17
C ASN D 89 17.16 -7.59 22.22
N VAL D 90 17.21 -8.86 22.61
CA VAL D 90 16.71 -9.96 21.80
C VAL D 90 15.79 -10.80 22.69
N HIS D 91 14.55 -10.97 22.25
CA HIS D 91 13.60 -11.83 22.93
C HIS D 91 13.24 -12.97 22.00
N LEU D 92 12.75 -14.08 22.58
CA LEU D 92 12.27 -15.22 21.81
C LEU D 92 10.77 -15.34 22.05
N VAL D 93 9.99 -15.19 20.99
CA VAL D 93 8.53 -15.26 21.08
C VAL D 93 8.03 -16.18 19.97
N ASP D 94 7.54 -17.35 20.35
CA ASP D 94 6.80 -18.26 19.46
C ASP D 94 7.58 -18.55 18.17
N ARG D 95 8.74 -19.19 18.35
CA ARG D 95 9.65 -19.62 17.30
C ARG D 95 10.37 -18.48 16.59
N TYR D 96 10.23 -17.24 17.06
CA TYR D 96 10.86 -16.10 16.40
C TYR D 96 11.81 -15.40 17.37
N LEU D 97 12.76 -14.68 16.80
CA LEU D 97 13.64 -13.78 17.53
C LEU D 97 13.29 -12.35 17.15
N ILE D 98 12.96 -11.54 18.14
CA ILE D 98 12.65 -10.13 17.93
C ILE D 98 13.77 -9.32 18.57
N HIS D 99 14.33 -8.39 17.80
CA HIS D 99 15.57 -7.72 18.14
C HIS D 99 15.33 -6.23 18.03
N ARG D 100 15.59 -5.51 19.11
CA ARG D 100 15.54 -4.06 19.12
C ARG D 100 16.93 -3.55 18.79
N THR D 101 17.09 -2.97 17.60
CA THR D 101 18.39 -2.57 17.12
C THR D 101 18.85 -1.27 17.79
N GLU D 102 20.11 -0.92 17.52
CA GLU D 102 20.74 0.25 18.09
C GLU D 102 19.98 1.53 17.77
N ASN D 103 19.36 1.61 16.59
CA ASN D 103 18.67 2.79 16.11
C ASN D 103 17.18 2.79 16.47
N GLN D 104 16.76 1.97 17.44
CA GLN D 104 15.40 1.77 17.92
C GLN D 104 14.49 1.02 16.94
N HIS D 105 15.00 0.56 15.79
CA HIS D 105 14.19 -0.30 14.95
C HIS D 105 14.02 -1.67 15.59
N VAL D 106 12.90 -2.31 15.28
CA VAL D 106 12.59 -3.64 15.79
C VAL D 106 12.50 -4.59 14.60
N VAL D 107 13.35 -5.61 14.59
CA VAL D 107 13.42 -6.60 13.52
C VAL D 107 12.91 -7.93 14.03
N GLY D 108 12.39 -8.73 13.11
CA GLY D 108 12.00 -10.08 13.44
C GLY D 108 12.80 -11.09 12.65
N LEU D 109 13.44 -12.02 13.36
CA LEU D 109 14.23 -13.09 12.75
C LEU D 109 13.43 -14.38 12.75
N TRP D 110 13.34 -15.00 11.58
CA TRP D 110 12.74 -16.32 11.42
C TRP D 110 13.83 -17.26 10.94
N MET D 111 14.06 -18.34 11.69
CA MET D 111 15.04 -19.36 11.34
C MET D 111 14.36 -20.60 10.78
N PHE D 112 15.01 -21.24 9.79
CA PHE D 112 14.40 -22.42 9.19
C PHE D 112 14.46 -23.62 10.12
N ASP D 113 15.54 -23.74 10.89
CA ASP D 113 15.69 -24.84 11.82
C ASP D 113 15.43 -24.32 13.23
N PRO D 114 14.41 -24.81 13.93
CA PRO D 114 14.17 -24.32 15.30
C PRO D 114 15.32 -24.63 16.23
N ASN D 115 16.04 -25.74 15.99
CA ASN D 115 17.23 -26.00 16.79
C ASN D 115 18.32 -24.97 16.49
N ASP D 116 18.41 -24.48 15.25
CA ASP D 116 19.28 -23.33 14.99
C ASP D 116 18.74 -22.10 15.68
N MET D 117 17.41 -21.95 15.70
CA MET D 117 16.77 -20.78 16.29
C MET D 117 17.09 -20.64 17.76
N SER D 118 16.76 -21.66 18.55
CA SER D 118 16.95 -21.59 19.99
C SER D 118 18.43 -21.71 20.38
N ARG D 119 19.20 -22.48 19.61
CA ARG D 119 20.61 -22.66 19.96
C ARG D 119 21.36 -21.35 19.92
N ILE D 120 21.14 -20.57 18.85
CA ILE D 120 21.81 -19.27 18.72
C ILE D 120 21.27 -18.29 19.77
N PHE D 121 19.98 -18.40 20.11
CA PHE D 121 19.41 -17.48 21.08
C PHE D 121 20.01 -17.65 22.47
N ASN D 122 20.40 -18.89 22.83
CA ASN D 122 21.07 -19.09 24.10
C ASN D 122 22.49 -18.55 24.06
N ILE D 123 23.13 -18.56 22.89
CA ILE D 123 24.45 -17.95 22.73
C ILE D 123 24.35 -16.43 22.83
N VAL D 124 23.19 -15.85 22.50
CA VAL D 124 23.02 -14.40 22.62
C VAL D 124 22.89 -13.99 24.08
N LYS D 125 22.26 -14.82 24.91
CA LYS D 125 22.02 -14.46 26.30
C LYS D 125 23.31 -14.24 27.09
N GLU D 126 24.46 -14.69 26.59
CA GLU D 126 25.73 -14.42 27.24
C GLU D 126 26.37 -13.18 26.60
N SER D 127 27.65 -12.95 26.88
CA SER D 127 28.40 -11.81 26.36
C SER D 127 27.74 -10.48 26.76
N SER E 9 10.90 -24.78 0.65
CA SER E 9 9.81 -23.99 1.23
C SER E 9 10.20 -22.52 1.38
N GLU E 10 9.26 -21.70 1.81
CA GLU E 10 9.39 -20.26 1.89
C GLU E 10 9.01 -19.77 3.28
N PRO E 11 9.33 -18.52 3.62
CA PRO E 11 9.10 -18.03 5.00
C PRO E 11 7.65 -17.68 5.24
N PRO E 12 7.18 -17.79 6.48
CA PRO E 12 5.80 -17.42 6.81
C PRO E 12 5.50 -15.98 6.41
N SER E 13 4.21 -15.69 6.24
CA SER E 13 3.78 -14.34 5.92
C SER E 13 3.95 -13.43 7.13
N PRO E 14 4.15 -12.12 6.91
CA PRO E 14 4.31 -11.21 8.06
C PRO E 14 3.11 -11.15 8.99
N SER E 15 1.94 -11.60 8.55
CA SER E 15 0.74 -11.48 9.37
C SER E 15 0.82 -12.33 10.62
N VAL E 16 1.44 -13.51 10.53
CA VAL E 16 1.51 -14.42 11.67
C VAL E 16 2.50 -13.97 12.73
N LEU E 17 3.32 -12.97 12.42
CA LEU E 17 4.30 -12.48 13.38
C LEU E 17 3.60 -11.98 14.64
N PRO E 18 4.05 -12.37 15.82
CA PRO E 18 3.43 -11.86 17.05
C PRO E 18 3.75 -10.39 17.25
N LYS E 19 2.94 -9.74 18.09
CA LYS E 19 3.16 -8.34 18.39
C LYS E 19 4.43 -8.19 19.22
N PRO E 20 5.20 -7.13 19.00
CA PRO E 20 6.44 -6.94 19.74
C PRO E 20 6.13 -6.53 21.17
N PRO E 21 7.13 -6.48 22.05
CA PRO E 21 6.87 -5.99 23.41
C PRO E 21 6.20 -4.63 23.37
N SER E 22 5.16 -4.48 24.20
CA SER E 22 4.38 -3.24 24.18
C SER E 22 5.23 -2.01 24.43
N HIS E 23 6.22 -2.13 25.33
CA HIS E 23 7.05 -1.00 25.71
C HIS E 23 8.19 -0.71 24.74
N TRP E 24 8.40 -1.55 23.72
CA TRP E 24 9.43 -1.26 22.72
C TRP E 24 8.89 -0.52 21.52
N VAL E 25 7.58 -0.52 21.31
CA VAL E 25 6.93 0.06 20.15
C VAL E 25 6.07 1.23 20.61
N PRO E 26 6.17 2.40 19.98
CA PRO E 26 5.31 3.52 20.37
C PRO E 26 3.86 3.26 20.03
N VAL E 27 2.97 3.97 20.74
CA VAL E 27 1.53 3.82 20.54
C VAL E 27 1.12 4.34 19.17
N SER E 28 -0.08 3.95 18.74
CA SER E 28 -0.62 4.46 17.50
C SER E 28 -0.73 5.99 17.55
N PHE E 29 -0.91 6.59 16.38
CA PHE E 29 -0.90 8.05 16.30
C PHE E 29 -2.00 8.67 17.16
N ASN E 30 -3.22 8.19 17.03
CA ASN E 30 -4.36 8.74 17.76
C ASN E 30 -4.94 7.63 18.64
N PRO E 31 -5.12 7.88 19.95
CA PRO E 31 -5.66 6.91 20.93
C PRO E 31 -6.75 5.99 20.40
N GLY F 3 22.01 0.44 0.06
CA GLY F 3 21.75 -0.93 -0.36
C GLY F 3 23.00 -1.80 -0.37
N GLY F 4 23.30 -2.36 -1.54
CA GLY F 4 24.49 -3.18 -1.69
C GLY F 4 25.06 -3.10 -3.09
N SER F 5 24.76 -2.00 -3.78
CA SER F 5 25.10 -1.85 -5.19
C SER F 5 26.57 -1.53 -5.42
N MET F 6 27.37 -1.36 -4.37
CA MET F 6 28.80 -1.13 -4.50
C MET F 6 29.62 -2.30 -3.98
N SER F 7 28.98 -3.44 -3.69
CA SER F 7 29.63 -4.48 -2.91
C SER F 7 30.63 -5.28 -3.73
N PHE F 8 30.44 -5.36 -5.06
CA PHE F 8 31.28 -6.20 -5.91
C PHE F 8 32.06 -5.40 -6.95
N THR F 9 32.03 -4.07 -6.90
CA THR F 9 32.71 -3.28 -7.92
C THR F 9 34.22 -3.43 -7.87
N ASN F 10 34.76 -3.88 -6.74
CA ASN F 10 36.19 -4.07 -6.57
C ASN F 10 36.51 -5.51 -6.18
N ALA F 11 35.65 -6.45 -6.58
CA ALA F 11 35.81 -7.86 -6.26
C ALA F 11 36.43 -8.60 -7.44
N THR F 12 37.53 -9.30 -7.18
CA THR F 12 38.09 -10.17 -8.20
C THR F 12 37.19 -11.40 -8.37
N PHE F 13 37.31 -12.03 -9.54
CA PHE F 13 36.40 -13.13 -9.89
C PHE F 13 36.48 -14.27 -8.88
N SER F 14 37.65 -14.49 -8.28
CA SER F 14 37.76 -15.54 -7.27
C SER F 14 37.03 -15.18 -6.00
N GLN F 15 37.12 -13.91 -5.58
CA GLN F 15 36.32 -13.44 -4.46
C GLN F 15 34.83 -13.55 -4.75
N VAL F 16 34.44 -13.28 -6.01
CA VAL F 16 33.04 -13.45 -6.41
C VAL F 16 32.63 -14.90 -6.21
N LEU F 17 33.47 -15.84 -6.62
CA LEU F 17 33.17 -17.25 -6.41
C LEU F 17 33.14 -17.60 -4.92
N ASP F 18 34.03 -16.98 -4.13
CA ASP F 18 33.96 -17.15 -2.68
C ASP F 18 32.58 -16.74 -2.16
N ASP F 19 32.11 -15.58 -2.59
CA ASP F 19 30.82 -15.07 -2.12
C ASP F 19 29.69 -16.02 -2.48
N LEU F 20 29.58 -16.35 -3.77
CA LEU F 20 28.46 -17.17 -4.24
C LEU F 20 28.42 -18.50 -3.50
N SER F 21 29.58 -19.03 -3.15
CA SER F 21 29.64 -20.28 -2.39
C SER F 21 29.01 -20.10 -1.01
N ALA F 22 29.52 -19.13 -0.24
CA ALA F 22 28.95 -18.88 1.09
C ALA F 22 27.49 -18.42 0.98
N ARG F 23 27.11 -17.79 -0.12
CA ARG F 23 25.77 -17.23 -0.24
C ARG F 23 24.73 -18.28 -0.62
N PHE F 24 25.13 -19.36 -1.29
CA PHE F 24 24.14 -20.24 -1.90
C PHE F 24 24.38 -21.72 -1.62
N ILE F 25 25.63 -22.15 -1.52
CA ILE F 25 26.00 -23.57 -1.56
C ILE F 25 26.40 -24.08 -0.17
N LEU F 26 27.42 -23.46 0.45
CA LEU F 26 28.12 -24.12 1.56
C LEU F 26 27.25 -24.27 2.79
N ASN F 27 26.39 -23.28 3.08
CA ASN F 27 25.59 -23.25 4.30
C ASN F 27 24.14 -23.52 3.95
N LEU F 28 23.81 -24.80 3.80
CA LEU F 28 22.46 -25.28 3.58
C LEU F 28 22.11 -26.29 4.67
N PRO F 29 20.84 -26.45 4.98
CA PRO F 29 20.44 -27.50 5.94
C PRO F 29 20.91 -28.86 5.46
N ALA F 30 21.23 -29.73 6.42
CA ALA F 30 21.60 -31.10 6.08
C ALA F 30 20.55 -31.76 5.21
N GLU F 31 19.28 -31.44 5.44
CA GLU F 31 18.21 -31.91 4.58
C GLU F 31 18.41 -31.43 3.14
N GLU F 32 18.80 -30.17 2.95
CA GLU F 32 18.90 -29.63 1.60
C GLU F 32 20.17 -30.10 0.88
N GLN F 33 21.26 -30.32 1.62
CA GLN F 33 22.47 -30.84 0.99
C GLN F 33 22.25 -32.24 0.44
N SER F 34 21.45 -33.06 1.13
CA SER F 34 21.20 -34.41 0.68
C SER F 34 20.46 -34.44 -0.66
N SER F 35 19.60 -33.45 -0.90
CA SER F 35 18.81 -33.41 -2.12
C SER F 35 19.66 -32.88 -3.27
N VAL F 36 19.82 -33.70 -4.31
CA VAL F 36 20.52 -33.27 -5.51
C VAL F 36 19.74 -32.16 -6.21
N GLU F 37 18.41 -32.26 -6.18
CA GLU F 37 17.58 -31.30 -6.92
C GLU F 37 17.69 -29.89 -6.34
N ARG F 38 17.68 -29.77 -5.01
CA ARG F 38 17.81 -28.45 -4.40
C ARG F 38 19.24 -27.92 -4.52
N LEU F 39 20.24 -28.81 -4.46
CA LEU F 39 21.62 -28.38 -4.68
C LEU F 39 21.79 -27.85 -6.10
N CYS F 40 21.17 -28.50 -7.08
CA CYS F 40 21.14 -27.95 -8.43
C CYS F 40 20.40 -26.61 -8.44
N PHE F 41 19.32 -26.51 -7.67
CA PHE F 41 18.56 -25.27 -7.59
C PHE F 41 19.43 -24.11 -7.09
N GLN F 42 20.26 -24.37 -6.08
CA GLN F 42 21.10 -23.33 -5.52
C GLN F 42 22.20 -22.92 -6.49
N ILE F 43 22.72 -23.86 -7.27
CA ILE F 43 23.77 -23.54 -8.23
C ILE F 43 23.25 -22.58 -9.29
N GLU F 44 22.01 -22.78 -9.76
CA GLU F 44 21.45 -21.88 -10.76
C GLU F 44 21.05 -20.54 -10.13
N GLN F 45 20.54 -20.58 -8.89
CA GLN F 45 20.27 -19.32 -8.18
C GLN F 45 21.53 -18.49 -8.05
N ALA F 46 22.67 -19.14 -7.74
CA ALA F 46 23.94 -18.45 -7.70
C ALA F 46 24.30 -17.87 -9.06
N HIS F 47 24.06 -18.65 -10.13
CA HIS F 47 24.32 -18.16 -11.47
C HIS F 47 23.47 -16.94 -11.80
N TRP F 48 22.19 -17.01 -11.44
CA TRP F 48 21.29 -15.88 -11.66
C TRP F 48 21.77 -14.65 -10.90
N PHE F 49 22.17 -14.83 -9.63
CA PHE F 49 22.71 -13.73 -8.84
C PHE F 49 23.93 -13.14 -9.53
N TYR F 50 24.85 -13.99 -9.99
CA TYR F 50 26.06 -13.52 -10.64
C TYR F 50 25.74 -12.69 -11.88
N GLU F 51 24.75 -13.14 -12.67
CA GLU F 51 24.46 -12.47 -13.94
C GLU F 51 23.68 -11.18 -13.75
N ASP F 52 22.74 -11.17 -12.81
CA ASP F 52 21.84 -10.02 -12.65
C ASP F 52 22.40 -8.94 -11.73
N PHE F 53 23.17 -9.31 -10.72
CA PHE F 53 23.62 -8.34 -9.71
C PHE F 53 25.13 -8.15 -9.70
N ILE F 54 25.91 -9.23 -9.61
CA ILE F 54 27.35 -9.09 -9.51
C ILE F 54 27.95 -8.57 -10.81
N ARG F 55 27.28 -8.79 -11.94
CA ARG F 55 27.75 -8.26 -13.21
C ARG F 55 27.10 -6.93 -13.57
N ALA F 56 26.07 -6.50 -12.83
CA ALA F 56 25.65 -5.11 -12.91
C ALA F 56 26.77 -4.19 -12.47
N GLN F 57 27.31 -4.43 -11.29
CA GLN F 57 28.61 -3.88 -10.93
C GLN F 57 29.71 -4.65 -11.68
N ASN F 58 30.87 -4.00 -11.82
CA ASN F 58 32.08 -4.63 -12.36
C ASN F 58 31.79 -5.43 -13.64
N ASP F 59 31.70 -4.73 -14.77
CA ASP F 59 31.35 -5.41 -16.01
C ASP F 59 32.49 -6.27 -16.55
N GLN F 60 33.74 -6.00 -16.12
CA GLN F 60 34.87 -6.81 -16.59
C GLN F 60 34.63 -8.30 -16.37
N LEU F 61 33.85 -8.66 -15.34
CA LEU F 61 33.55 -10.05 -15.07
C LEU F 61 32.93 -10.72 -16.29
N PRO F 62 33.27 -11.99 -16.57
CA PRO F 62 32.82 -12.61 -17.81
C PRO F 62 31.37 -13.06 -17.75
N SER F 63 30.71 -12.96 -18.90
CA SER F 63 29.37 -13.51 -19.08
C SER F 63 29.49 -15.02 -19.29
N LEU F 64 28.88 -15.79 -18.39
CA LEU F 64 28.97 -17.25 -18.43
C LEU F 64 27.59 -17.86 -18.44
N GLY F 65 27.36 -18.80 -19.36
CA GLY F 65 26.19 -19.65 -19.29
C GLY F 65 26.22 -20.51 -18.04
N LEU F 66 25.12 -21.24 -17.82
CA LEU F 66 24.99 -22.01 -16.59
C LEU F 66 26.08 -23.08 -16.48
N ARG F 67 26.34 -23.79 -17.58
CA ARG F 67 27.30 -24.88 -17.53
C ARG F 67 28.70 -24.37 -17.23
N VAL F 68 29.17 -23.38 -17.99
CA VAL F 68 30.52 -22.86 -17.79
C VAL F 68 30.65 -22.25 -16.39
N PHE F 69 29.58 -21.61 -15.91
CA PHE F 69 29.58 -21.10 -14.55
C PHE F 69 29.74 -22.23 -13.54
N SER F 70 28.96 -23.31 -13.72
CA SER F 70 29.10 -24.47 -12.85
C SER F 70 30.51 -25.04 -12.90
N ALA F 71 31.13 -25.00 -14.07
CA ALA F 71 32.50 -25.48 -14.19
C ALA F 71 33.44 -24.63 -13.35
N LYS F 72 33.36 -23.31 -13.50
CA LYS F 72 34.18 -22.40 -12.68
C LYS F 72 33.89 -22.55 -11.20
N LEU F 73 32.64 -22.86 -10.83
CA LEU F 73 32.31 -22.99 -9.42
C LEU F 73 32.84 -24.29 -8.84
N PHE F 74 32.81 -25.37 -9.64
CA PHE F 74 33.26 -26.66 -9.16
C PHE F 74 34.76 -26.70 -8.95
N ALA F 75 35.53 -26.13 -9.88
CA ALA F 75 36.98 -26.10 -9.72
C ALA F 75 37.38 -25.22 -8.54
N HIS F 76 36.64 -24.14 -8.30
CA HIS F 76 36.98 -23.23 -7.22
C HIS F 76 36.62 -23.83 -5.86
N CYS F 77 35.55 -24.62 -5.79
CA CYS F 77 35.05 -25.18 -4.53
C CYS F 77 35.27 -26.68 -4.53
N PRO F 78 36.38 -27.17 -3.97
CA PRO F 78 36.60 -28.63 -3.96
C PRO F 78 35.52 -29.40 -3.22
N LEU F 79 34.83 -28.77 -2.27
CA LEU F 79 33.67 -29.41 -1.65
C LEU F 79 32.62 -29.75 -2.70
N LEU F 80 32.38 -28.83 -3.64
CA LEU F 80 31.46 -29.11 -4.73
C LEU F 80 32.03 -30.14 -5.70
N TRP F 81 33.36 -30.17 -5.87
CA TRP F 81 33.95 -31.08 -6.83
C TRP F 81 33.69 -32.53 -6.45
N LYS F 82 33.72 -32.84 -5.16
CA LYS F 82 33.34 -34.17 -4.70
C LYS F 82 31.88 -34.47 -5.06
N TRP F 83 30.99 -33.52 -4.78
CA TRP F 83 29.57 -33.71 -5.09
C TRP F 83 29.35 -33.84 -6.60
N SER F 84 30.01 -32.98 -7.39
CA SER F 84 29.81 -32.99 -8.83
C SER F 84 30.13 -34.35 -9.44
N LYS F 85 31.08 -35.07 -8.85
CA LYS F 85 31.51 -36.34 -9.42
C LYS F 85 30.53 -37.47 -9.12
N VAL F 86 29.93 -37.48 -7.92
CA VAL F 86 29.04 -38.58 -7.56
C VAL F 86 27.70 -38.43 -8.28
N HIS F 87 27.20 -37.20 -8.42
CA HIS F 87 25.94 -36.92 -9.10
C HIS F 87 26.16 -36.42 -10.52
N GLU F 88 27.21 -36.94 -11.16
CA GLU F 88 27.55 -36.76 -12.57
C GLU F 88 26.33 -36.68 -13.48
N GLU F 89 25.60 -37.79 -13.57
CA GLU F 89 24.52 -37.92 -14.56
C GLU F 89 23.34 -37.02 -14.21
N ALA F 90 23.00 -36.92 -12.92
CA ALA F 90 21.86 -36.08 -12.53
C ALA F 90 22.12 -34.62 -12.87
N PHE F 91 23.33 -34.14 -12.61
CA PHE F 91 23.65 -32.75 -12.89
C PHE F 91 23.73 -32.47 -14.39
N ASP F 92 24.15 -33.47 -15.17
CA ASP F 92 24.19 -33.27 -16.62
C ASP F 92 22.79 -33.17 -17.20
N ASP F 93 21.83 -33.89 -16.62
CA ASP F 93 20.44 -33.76 -17.06
C ASP F 93 19.87 -32.42 -16.64
N PHE F 94 20.23 -31.93 -15.45
CA PHE F 94 19.82 -30.60 -15.02
C PHE F 94 20.30 -29.53 -15.98
N LEU F 95 21.44 -29.74 -16.64
CA LEU F 95 22.01 -28.72 -17.51
C LEU F 95 21.39 -28.75 -18.90
N ARG F 96 21.01 -29.92 -19.41
CA ARG F 96 20.64 -30.07 -20.80
C ARG F 96 19.17 -30.39 -21.03
N TYR F 97 18.35 -30.40 -19.99
CA TYR F 97 16.97 -30.83 -20.17
C TYR F 97 16.15 -29.87 -21.04
N LYS F 98 16.63 -28.64 -21.23
CA LYS F 98 15.90 -27.67 -22.04
C LYS F 98 16.17 -27.83 -23.54
N THR F 99 17.13 -28.66 -23.92
CA THR F 99 17.34 -28.95 -25.33
C THR F 99 16.14 -29.64 -25.96
N ARG F 100 15.27 -30.25 -25.15
CA ARG F 100 14.07 -30.91 -25.63
C ARG F 100 12.85 -29.99 -25.64
N ILE F 101 12.98 -28.77 -25.14
CA ILE F 101 11.84 -27.86 -25.02
C ILE F 101 12.11 -26.60 -25.85
N PRO F 102 11.97 -26.66 -27.17
CA PRO F 102 12.17 -25.45 -27.98
C PRO F 102 11.04 -24.47 -27.79
N VAL F 103 11.37 -23.18 -27.90
CA VAL F 103 10.38 -22.12 -27.79
C VAL F 103 10.52 -21.18 -28.98
N ARG F 104 9.39 -20.63 -29.42
CA ARG F 104 9.36 -19.64 -30.49
C ARG F 104 8.54 -18.44 -30.06
N GLY F 105 8.88 -17.29 -30.60
CA GLY F 105 8.18 -16.07 -30.29
C GLY F 105 8.48 -15.01 -31.32
N ALA F 106 8.20 -13.77 -30.94
CA ALA F 106 8.43 -12.63 -31.84
C ALA F 106 9.07 -11.49 -31.09
N ILE F 107 9.83 -10.69 -31.82
CA ILE F 107 10.29 -9.39 -31.35
C ILE F 107 9.52 -8.36 -32.16
N MET F 108 8.50 -7.76 -31.56
CA MET F 108 7.63 -6.82 -32.25
C MET F 108 8.18 -5.40 -32.09
N LEU F 109 8.54 -4.78 -33.20
CA LEU F 109 9.14 -3.46 -33.22
C LEU F 109 8.20 -2.45 -33.85
N ASP F 110 8.31 -1.20 -33.40
CA ASP F 110 7.52 -0.12 -33.99
C ASP F 110 8.14 0.27 -35.33
N MET F 111 7.64 1.35 -35.92
CA MET F 111 8.10 1.73 -37.25
C MET F 111 9.55 2.20 -37.25
N SER F 112 9.91 3.05 -36.29
CA SER F 112 11.29 3.52 -36.19
C SER F 112 12.24 2.46 -35.68
N MET F 113 11.75 1.27 -35.35
CA MET F 113 12.56 0.19 -34.79
C MET F 113 13.33 0.66 -33.55
N GLN F 114 12.66 1.49 -32.74
CA GLN F 114 13.23 2.01 -31.50
C GLN F 114 12.58 1.43 -30.25
N GLN F 115 11.36 0.92 -30.34
CA GLN F 115 10.67 0.34 -29.21
C GLN F 115 10.23 -1.09 -29.56
N CYS F 116 10.16 -1.93 -28.52
CA CYS F 116 9.74 -3.32 -28.69
C CYS F 116 8.65 -3.64 -27.67
N VAL F 117 7.88 -4.68 -27.95
CA VAL F 117 6.82 -5.14 -27.06
C VAL F 117 7.38 -6.15 -26.08
N LEU F 118 7.15 -5.91 -24.79
CA LEU F 118 7.53 -6.84 -23.74
C LEU F 118 6.30 -7.20 -22.91
N VAL F 119 6.36 -8.36 -22.26
CA VAL F 119 5.27 -8.85 -21.44
C VAL F 119 5.82 -9.22 -20.07
N LYS F 120 4.94 -9.22 -19.07
CA LYS F 120 5.32 -9.48 -17.70
C LYS F 120 4.24 -10.30 -17.01
N GLY F 121 4.68 -11.14 -16.06
CA GLY F 121 3.78 -11.95 -15.25
C GLY F 121 3.82 -11.56 -13.79
N TRP F 122 2.80 -11.93 -13.03
CA TRP F 122 2.67 -11.43 -11.66
C TRP F 122 3.67 -12.09 -10.73
N LYS F 123 3.67 -13.42 -10.69
CA LYS F 123 4.24 -14.16 -9.58
C LYS F 123 5.77 -14.15 -9.60
N ALA F 124 6.34 -14.06 -8.40
CA ALA F 124 7.80 -14.11 -8.15
C ALA F 124 8.46 -12.90 -8.82
N SER F 125 9.69 -13.04 -9.31
CA SER F 125 10.31 -11.96 -10.08
C SER F 125 10.38 -12.45 -11.51
N SER F 126 9.24 -12.37 -12.22
CA SER F 126 9.17 -12.93 -13.56
C SER F 126 10.06 -12.17 -14.54
N GLY F 127 10.05 -10.85 -14.45
CA GLY F 127 10.85 -10.02 -15.34
C GLY F 127 10.18 -9.85 -16.69
N TRP F 128 10.64 -8.81 -17.40
CA TRP F 128 10.12 -8.53 -18.74
C TRP F 128 10.76 -9.44 -19.76
N GLY F 129 9.94 -9.90 -20.71
CA GLY F 129 10.42 -10.80 -21.75
C GLY F 129 9.55 -10.68 -23.00
N PHE F 130 10.06 -11.24 -24.09
CA PHE F 130 9.32 -11.26 -25.34
C PHE F 130 8.25 -12.36 -25.29
N PRO F 131 7.14 -12.17 -26.00
CA PRO F 131 6.14 -13.25 -26.11
C PRO F 131 6.75 -14.50 -26.69
N LYS F 132 6.75 -15.57 -25.89
CA LYS F 132 7.39 -16.82 -26.28
C LYS F 132 6.67 -17.97 -25.57
N GLY F 133 6.89 -19.18 -26.09
CA GLY F 133 6.23 -20.35 -25.54
C GLY F 133 6.68 -21.61 -26.26
N LYS F 134 6.34 -22.74 -25.64
CA LYS F 134 6.74 -24.04 -26.16
C LYS F 134 6.02 -24.37 -27.46
N ILE F 135 6.58 -25.32 -28.20
CA ILE F 135 6.05 -25.73 -29.50
C ILE F 135 5.20 -26.98 -29.31
N ASP F 136 4.29 -27.22 -30.26
CA ASP F 136 3.39 -28.36 -30.23
C ASP F 136 3.69 -29.30 -31.39
N LYS F 137 3.18 -30.53 -31.29
CA LYS F 137 3.39 -31.52 -32.35
C LYS F 137 2.81 -31.03 -33.67
N ASP F 138 1.54 -30.63 -33.66
CA ASP F 138 0.87 -30.06 -34.83
C ASP F 138 1.15 -28.56 -34.90
N GLU F 139 2.41 -28.22 -35.11
CA GLU F 139 2.82 -26.82 -35.06
C GLU F 139 4.12 -26.62 -35.82
N SER F 140 4.14 -25.56 -36.64
CA SER F 140 5.35 -25.09 -37.28
C SER F 140 5.99 -24.02 -36.40
N ASP F 141 7.22 -23.63 -36.77
CA ASP F 141 7.90 -22.56 -36.05
C ASP F 141 7.12 -21.25 -36.16
N VAL F 142 6.69 -20.91 -37.37
CA VAL F 142 5.95 -19.66 -37.57
C VAL F 142 4.61 -19.70 -36.83
N ASP F 143 3.88 -20.81 -36.94
CA ASP F 143 2.60 -20.92 -36.27
C ASP F 143 2.73 -21.01 -34.77
N CYS F 144 3.89 -21.46 -34.26
CA CYS F 144 4.13 -21.40 -32.82
C CYS F 144 4.30 -19.94 -32.38
N ALA F 145 5.13 -19.19 -33.10
CA ALA F 145 5.36 -17.78 -32.75
C ALA F 145 4.07 -16.98 -32.89
N ILE F 146 3.36 -17.17 -34.01
CA ILE F 146 2.10 -16.46 -34.22
C ILE F 146 1.13 -16.77 -33.09
N ARG F 147 0.85 -18.06 -32.88
CA ARG F 147 -0.11 -18.46 -31.84
C ARG F 147 0.32 -17.95 -30.47
N GLU F 148 1.60 -18.03 -30.17
CA GLU F 148 2.08 -17.58 -28.86
C GLU F 148 1.94 -16.07 -28.71
N VAL F 149 2.12 -15.32 -29.81
CA VAL F 149 2.01 -13.86 -29.72
C VAL F 149 0.56 -13.46 -29.51
N TYR F 150 -0.37 -14.10 -30.22
CA TYR F 150 -1.78 -13.76 -30.07
C TYR F 150 -2.29 -14.01 -28.66
N GLU F 151 -1.88 -15.14 -28.06
CA GLU F 151 -2.51 -15.54 -26.80
C GLU F 151 -2.19 -14.55 -25.68
N GLU F 152 -0.96 -14.07 -25.60
CA GLU F 152 -0.58 -13.21 -24.49
C GLU F 152 -0.50 -11.72 -24.84
N THR F 153 -0.61 -11.36 -26.13
CA THR F 153 -0.71 -9.96 -26.51
C THR F 153 -1.97 -9.63 -27.29
N GLY F 154 -2.70 -10.64 -27.78
CA GLY F 154 -3.93 -10.41 -28.52
C GLY F 154 -3.75 -9.93 -29.93
N PHE F 155 -2.53 -9.99 -30.46
CA PHE F 155 -2.22 -9.43 -31.78
C PHE F 155 -2.02 -10.55 -32.80
N ASP F 156 -2.48 -10.29 -34.02
CA ASP F 156 -2.35 -11.24 -35.13
C ASP F 156 -1.23 -10.74 -36.03
N CYS F 157 -0.06 -11.38 -35.92
CA CYS F 157 1.11 -11.04 -36.71
C CYS F 157 1.23 -11.89 -37.97
N SER F 158 0.26 -12.77 -38.23
CA SER F 158 0.26 -13.56 -39.46
C SER F 158 0.35 -12.68 -40.70
N SER F 159 -0.13 -11.44 -40.59
CA SER F 159 -0.09 -10.54 -41.74
C SER F 159 1.33 -10.05 -42.02
N ARG F 160 2.20 -10.03 -41.01
CA ARG F 160 3.50 -9.38 -41.13
C ARG F 160 4.70 -10.25 -40.77
N ILE F 161 4.49 -11.50 -40.36
CA ILE F 161 5.63 -12.32 -39.92
C ILE F 161 6.47 -12.74 -41.13
N ASN F 162 7.77 -12.87 -40.90
CA ASN F 162 8.73 -13.25 -41.93
C ASN F 162 9.57 -14.42 -41.42
N PRO F 163 9.40 -15.62 -41.96
CA PRO F 163 10.21 -16.76 -41.48
C PRO F 163 11.69 -16.61 -41.77
N ASN F 164 12.08 -15.72 -42.68
CA ASN F 164 13.50 -15.52 -42.98
C ASN F 164 14.18 -14.55 -42.03
N GLU F 165 13.42 -13.81 -41.23
CA GLU F 165 13.95 -12.78 -40.34
C GLU F 165 13.71 -13.21 -38.90
N PHE F 166 14.78 -13.64 -38.22
CA PHE F 166 14.68 -14.19 -36.88
C PHE F 166 16.04 -14.09 -36.21
N ILE F 167 16.02 -14.13 -34.88
CA ILE F 167 17.23 -14.31 -34.09
C ILE F 167 17.14 -15.66 -33.41
N ASP F 168 18.01 -16.58 -33.82
CA ASP F 168 18.05 -17.94 -33.29
C ASP F 168 19.22 -18.06 -32.33
N MET F 169 18.92 -18.38 -31.07
CA MET F 169 19.94 -18.49 -30.04
C MET F 169 19.79 -19.78 -29.26
N THR F 170 20.84 -20.14 -28.54
CA THR F 170 20.83 -21.25 -27.59
C THR F 170 21.16 -20.69 -26.21
N ILE F 171 20.21 -20.79 -25.29
CA ILE F 171 20.34 -20.21 -23.95
C ILE F 171 20.01 -21.30 -22.94
N ARG F 172 21.00 -21.67 -22.12
CA ARG F 172 20.84 -22.73 -21.13
C ARG F 172 20.37 -24.03 -21.77
N GLY F 173 20.96 -24.35 -22.93
CA GLY F 173 20.62 -25.56 -23.63
C GLY F 173 19.39 -25.40 -24.51
N GLN F 174 18.53 -24.45 -24.15
CA GLN F 174 17.26 -24.26 -24.82
C GLN F 174 17.44 -23.50 -26.13
N ASN F 175 16.85 -24.03 -27.20
CA ASN F 175 16.83 -23.33 -28.49
C ASN F 175 15.69 -22.32 -28.50
N VAL F 176 16.02 -21.05 -28.69
CA VAL F 176 15.05 -19.97 -28.70
C VAL F 176 15.20 -19.22 -30.02
N ARG F 177 14.10 -19.12 -30.77
CA ARG F 177 14.07 -18.36 -32.01
C ARG F 177 12.93 -17.36 -31.92
N LEU F 178 13.25 -16.07 -32.09
CA LEU F 178 12.26 -15.01 -32.05
C LEU F 178 12.26 -14.30 -33.40
N TYR F 179 11.13 -14.37 -34.10
CA TYR F 179 11.01 -13.68 -35.37
C TYR F 179 10.90 -12.17 -35.15
N ILE F 180 11.46 -11.42 -36.09
CA ILE F 180 11.51 -9.97 -35.98
C ILE F 180 10.38 -9.38 -36.82
N ILE F 181 9.42 -8.74 -36.15
CA ILE F 181 8.25 -8.18 -36.83
C ILE F 181 8.23 -6.68 -36.59
N PRO F 182 8.84 -5.87 -37.47
CA PRO F 182 8.78 -4.41 -37.30
C PRO F 182 7.50 -3.81 -37.85
N GLY F 183 7.38 -2.49 -37.82
CA GLY F 183 6.28 -1.80 -38.44
C GLY F 183 5.00 -1.77 -37.66
N ILE F 184 4.97 -2.29 -36.44
CA ILE F 184 3.74 -2.35 -35.65
C ILE F 184 3.48 -1.00 -35.02
N SER F 185 2.24 -0.52 -35.13
CA SER F 185 1.89 0.82 -34.67
C SER F 185 1.96 0.90 -33.15
N LEU F 186 2.41 2.06 -32.66
CA LEU F 186 2.37 2.35 -31.23
C LEU F 186 0.96 2.58 -30.71
N ASP F 187 -0.01 2.80 -31.60
CA ASP F 187 -1.40 2.95 -31.20
C ASP F 187 -2.07 1.61 -30.88
N THR F 188 -1.44 0.50 -31.28
CA THR F 188 -1.98 -0.83 -31.05
C THR F 188 -2.35 -1.05 -29.59
N ARG F 189 -3.61 -1.39 -29.34
CA ARG F 189 -4.08 -1.69 -28.00
C ARG F 189 -3.94 -3.19 -27.76
N PHE F 190 -3.16 -3.56 -26.75
CA PHE F 190 -2.85 -4.96 -26.46
C PHE F 190 -3.74 -5.50 -25.36
N GLU F 191 -4.23 -6.72 -25.55
CA GLU F 191 -5.00 -7.44 -24.55
C GLU F 191 -4.64 -8.92 -24.65
N SER F 192 -4.52 -9.58 -23.51
CA SER F 192 -4.07 -10.97 -23.47
C SER F 192 -5.26 -11.92 -23.44
N ARG F 193 -5.25 -12.93 -24.32
CA ARG F 193 -6.22 -14.00 -24.24
C ARG F 193 -5.98 -14.87 -23.01
N THR F 194 -4.72 -15.25 -22.80
CA THR F 194 -4.30 -15.87 -21.54
C THR F 194 -4.07 -14.78 -20.49
N ARG F 195 -5.13 -13.98 -20.29
CA ARG F 195 -5.05 -12.78 -19.46
C ARG F 195 -4.64 -13.12 -18.04
N LYS F 196 -5.04 -14.28 -17.53
CA LYS F 196 -4.75 -14.70 -16.16
C LYS F 196 -3.32 -15.17 -15.98
N GLU F 197 -2.45 -14.98 -16.97
CA GLU F 197 -1.03 -15.27 -16.87
C GLU F 197 -0.14 -14.05 -17.12
N ILE F 198 -0.60 -13.08 -17.90
CA ILE F 198 0.17 -11.89 -18.24
C ILE F 198 -0.35 -10.71 -17.45
N SER F 199 0.56 -9.99 -16.79
CA SER F 199 0.17 -8.83 -16.00
C SER F 199 0.24 -7.54 -16.80
N LYS F 200 1.28 -7.37 -17.63
CA LYS F 200 1.50 -6.12 -18.34
C LYS F 200 2.00 -6.39 -19.75
N ILE F 201 1.64 -5.49 -20.66
CA ILE F 201 2.18 -5.44 -22.01
C ILE F 201 2.51 -3.98 -22.30
N GLU F 202 3.80 -3.69 -22.50
CA GLU F 202 4.23 -2.31 -22.62
C GLU F 202 5.32 -2.18 -23.67
N TRP F 203 5.38 -0.99 -24.27
CA TRP F 203 6.51 -0.63 -25.13
C TRP F 203 7.69 -0.18 -24.28
N HIS F 204 8.88 -0.61 -24.67
CA HIS F 204 10.13 -0.17 -24.05
C HIS F 204 11.04 0.38 -25.13
N ASN F 205 11.62 1.54 -24.88
CA ASN F 205 12.68 2.04 -25.74
C ASN F 205 13.91 1.14 -25.59
N LEU F 206 14.38 0.58 -26.71
CA LEU F 206 15.48 -0.37 -26.64
C LEU F 206 16.69 0.22 -25.91
N MET F 207 17.00 1.50 -26.15
CA MET F 207 18.13 2.10 -25.48
C MET F 207 17.91 2.31 -23.99
N ASP F 208 16.66 2.23 -23.53
CA ASP F 208 16.37 2.21 -22.11
C ASP F 208 16.57 0.83 -21.50
N LEU F 209 16.69 -0.20 -22.33
CA LEU F 209 16.87 -1.56 -21.81
C LEU F 209 18.31 -1.75 -21.33
N PRO F 210 18.51 -2.49 -20.24
CA PRO F 210 19.86 -2.70 -19.72
C PRO F 210 20.77 -3.33 -20.76
N THR F 211 22.05 -2.92 -20.74
CA THR F 211 23.12 -3.43 -21.59
C THR F 211 22.91 -3.13 -23.08
N PHE F 212 21.85 -2.40 -23.44
CA PHE F 212 21.66 -2.14 -24.87
C PHE F 212 22.67 -1.10 -25.36
N LYS F 213 23.15 -0.23 -24.48
CA LYS F 213 24.18 0.73 -24.83
C LYS F 213 25.32 0.66 -23.82
N LYS F 214 26.49 1.11 -24.27
CA LYS F 214 27.67 1.13 -23.41
C LYS F 214 27.52 2.14 -22.27
N ASN F 215 26.94 3.31 -22.56
CA ASN F 215 26.45 4.20 -21.51
C ASN F 215 25.67 3.37 -20.52
N LYS F 216 26.18 3.21 -19.30
CA LYS F 216 25.59 2.23 -18.41
C LYS F 216 24.56 2.87 -17.48
N PRO F 217 23.28 2.58 -17.65
CA PRO F 217 22.31 2.89 -16.59
C PRO F 217 21.96 1.60 -15.88
N GLN F 218 22.93 0.68 -15.88
CA GLN F 218 22.67 -0.71 -15.55
C GLN F 218 22.08 -0.88 -14.16
N THR F 219 20.76 -0.87 -14.09
CA THR F 219 20.00 -1.31 -12.93
C THR F 219 18.73 -1.95 -13.46
N MET F 220 18.11 -2.78 -12.61
CA MET F 220 16.98 -3.63 -12.99
C MET F 220 17.39 -4.69 -14.03
N LYS F 221 18.66 -5.10 -14.04
CA LYS F 221 19.09 -6.15 -14.96
C LYS F 221 18.39 -7.47 -14.66
N ASN F 222 18.05 -7.70 -13.38
CA ASN F 222 17.28 -8.89 -13.03
C ASN F 222 15.85 -8.84 -13.51
N LYS F 223 15.39 -7.72 -14.06
CA LYS F 223 14.03 -7.58 -14.56
C LYS F 223 13.93 -7.76 -16.06
N PHE F 224 15.05 -7.89 -16.76
CA PHE F 224 15.08 -8.05 -18.22
C PHE F 224 16.04 -9.16 -18.61
N TYR F 225 16.25 -10.15 -17.73
CA TYR F 225 17.23 -11.19 -18.00
C TYR F 225 16.93 -11.96 -19.28
N MET F 226 15.66 -12.11 -19.62
CA MET F 226 15.30 -12.91 -20.79
C MET F 226 15.67 -12.19 -22.08
N VAL F 227 15.49 -10.87 -22.13
CA VAL F 227 15.65 -10.14 -23.38
C VAL F 227 17.12 -9.84 -23.67
N ILE F 228 17.98 -9.82 -22.64
CA ILE F 228 19.35 -9.36 -22.83
C ILE F 228 20.11 -10.17 -23.89
N PRO F 229 20.04 -11.53 -23.92
CA PRO F 229 20.81 -12.27 -24.94
C PRO F 229 20.50 -11.85 -26.37
N PHE F 230 19.31 -11.28 -26.60
CA PHE F 230 18.89 -10.90 -27.95
C PHE F 230 19.24 -9.46 -28.32
N LEU F 231 19.77 -8.67 -27.39
CA LEU F 231 19.91 -7.23 -27.64
C LEU F 231 20.99 -6.95 -28.69
N ALA F 232 22.14 -7.59 -28.56
CA ALA F 232 23.23 -7.36 -29.52
C ALA F 232 22.86 -7.79 -30.94
N PRO F 233 22.35 -9.02 -31.18
CA PRO F 233 21.96 -9.37 -32.56
C PRO F 233 20.79 -8.56 -33.07
N LEU F 234 19.85 -8.16 -32.20
CA LEU F 234 18.75 -7.30 -32.63
C LEU F 234 19.27 -5.97 -33.17
N LYS F 235 20.28 -5.39 -32.49
CA LYS F 235 20.77 -4.09 -32.91
C LYS F 235 21.49 -4.16 -34.24
N LYS F 236 22.34 -5.18 -34.43
CA LYS F 236 22.96 -5.39 -35.73
C LYS F 236 21.91 -5.60 -36.82
N TRP F 237 20.84 -6.35 -36.51
CA TRP F 237 19.78 -6.56 -37.48
C TRP F 237 19.08 -5.25 -37.83
N ILE F 238 18.79 -4.43 -36.82
CA ILE F 238 18.13 -3.15 -37.07
C ILE F 238 19.04 -2.23 -37.89
N LYS F 239 20.35 -2.27 -37.61
CA LYS F 239 21.29 -1.45 -38.37
C LYS F 239 21.33 -1.88 -39.84
N LYS F 240 21.32 -3.18 -40.09
CA LYS F 240 21.36 -3.68 -41.47
C LYS F 240 20.09 -3.31 -42.22
N ARG F 241 18.93 -3.44 -41.58
CA ARG F 241 17.67 -3.08 -42.23
C ARG F 241 17.56 -1.59 -42.49
N ASN F 242 18.15 -0.75 -41.63
CA ASN F 242 18.10 0.69 -41.82
C ASN F 242 18.84 1.10 -43.09
N ILE F 243 19.93 0.42 -43.40
CA ILE F 243 20.65 0.69 -44.65
C ILE F 243 19.85 0.25 -45.87
N ALA F 244 18.87 -0.63 -45.69
CA ALA F 244 18.03 -1.07 -46.81
C ALA F 244 16.95 -0.04 -47.15
#